data_2YTD
#
_entry.id   2YTD
#
loop_
_entity.id
_entity.type
_entity.pdbx_description
1 polymer 'Zinc finger protein 473'
2 non-polymer 'ZINC ION'
#
_entity_poly.entity_id   1
_entity_poly.type   'polypeptide(L)'
_entity_poly.pdbx_seq_one_letter_code
;GSSGSSGSGEKPYKCSECGKAFHRHTHLNEHRRIHTGYRPSGPSSG
;
_entity_poly.pdbx_strand_id   A
#
# COMPACT_ATOMS: atom_id res chain seq x y z
N GLY A 1 -27.58 9.78 5.75
CA GLY A 1 -26.33 9.06 5.88
C GLY A 1 -25.57 8.95 4.58
N SER A 2 -24.67 7.98 4.50
CA SER A 2 -23.87 7.79 3.31
C SER A 2 -24.38 6.62 2.48
N SER A 3 -23.96 6.55 1.22
CA SER A 3 -24.39 5.47 0.33
C SER A 3 -23.22 4.95 -0.49
N GLY A 4 -23.20 3.64 -0.71
CA GLY A 4 -22.13 3.04 -1.48
C GLY A 4 -21.96 1.56 -1.18
N SER A 5 -20.76 1.18 -0.75
CA SER A 5 -20.46 -0.21 -0.42
C SER A 5 -21.22 -1.15 -1.36
N SER A 6 -21.26 -0.80 -2.63
CA SER A 6 -21.95 -1.61 -3.64
C SER A 6 -20.96 -2.52 -4.37
N GLY A 7 -21.22 -3.81 -4.34
CA GLY A 7 -20.35 -4.77 -5.01
C GLY A 7 -19.28 -5.32 -4.10
N SER A 8 -19.69 -6.19 -3.18
CA SER A 8 -18.76 -6.79 -2.23
C SER A 8 -17.59 -7.44 -2.96
N GLY A 9 -16.43 -7.43 -2.31
CA GLY A 9 -15.23 -8.01 -2.91
C GLY A 9 -14.09 -7.02 -3.03
N GLU A 10 -13.16 -7.09 -2.08
CA GLU A 10 -12.01 -6.19 -2.08
C GLU A 10 -10.72 -6.96 -1.80
N LYS A 11 -9.68 -6.66 -2.57
CA LYS A 11 -8.39 -7.32 -2.41
C LYS A 11 -8.07 -7.52 -0.93
N PRO A 12 -7.42 -8.65 -0.62
CA PRO A 12 -7.03 -9.00 0.75
C PRO A 12 -5.93 -8.09 1.29
N TYR A 13 -5.04 -7.67 0.39
CA TYR A 13 -3.93 -6.80 0.79
C TYR A 13 -4.17 -5.37 0.32
N LYS A 14 -4.02 -4.42 1.24
CA LYS A 14 -4.21 -3.01 0.93
C LYS A 14 -3.15 -2.15 1.59
N CYS A 15 -2.59 -1.21 0.83
CA CYS A 15 -1.56 -0.31 1.35
C CYS A 15 -2.16 0.74 2.27
N SER A 16 -1.73 0.73 3.53
CA SER A 16 -2.23 1.68 4.52
C SER A 16 -1.29 2.88 4.64
N GLU A 17 -0.84 3.39 3.50
CA GLU A 17 0.06 4.53 3.48
C GLU A 17 -0.44 5.61 2.51
N CYS A 18 -0.86 5.17 1.33
CA CYS A 18 -1.37 6.07 0.31
C CYS A 18 -2.81 5.75 -0.05
N GLY A 19 -3.09 4.47 -0.23
CA GLY A 19 -4.44 4.04 -0.58
C GLY A 19 -4.46 3.12 -1.78
N LYS A 20 -3.43 2.30 -1.92
CA LYS A 20 -3.33 1.37 -3.03
C LYS A 20 -3.78 -0.03 -2.62
N ALA A 21 -4.02 -0.89 -3.61
CA ALA A 21 -4.46 -2.25 -3.34
C ALA A 21 -3.97 -3.21 -4.43
N PHE A 22 -3.63 -4.43 -4.04
CA PHE A 22 -3.14 -5.43 -4.98
C PHE A 22 -3.68 -6.82 -4.62
N HIS A 23 -3.68 -7.71 -5.61
CA HIS A 23 -4.18 -9.07 -5.39
C HIS A 23 -3.05 -9.98 -4.90
N ARG A 24 -1.84 -9.75 -5.41
CA ARG A 24 -0.69 -10.55 -5.03
C ARG A 24 0.18 -9.81 -4.03
N HIS A 25 0.14 -10.26 -2.78
CA HIS A 25 0.93 -9.63 -1.72
C HIS A 25 2.30 -9.20 -2.24
N THR A 26 2.92 -10.06 -3.04
CA THR A 26 4.23 -9.77 -3.60
C THR A 26 4.30 -8.33 -4.11
N HIS A 27 3.45 -8.02 -5.09
CA HIS A 27 3.42 -6.67 -5.66
C HIS A 27 3.34 -5.61 -4.57
N LEU A 28 2.33 -5.72 -3.72
CA LEU A 28 2.14 -4.77 -2.63
C LEU A 28 3.47 -4.47 -1.94
N ASN A 29 4.16 -5.52 -1.51
CA ASN A 29 5.45 -5.37 -0.83
C ASN A 29 6.42 -4.57 -1.69
N GLU A 30 6.53 -4.95 -2.96
CA GLU A 30 7.43 -4.27 -3.88
C GLU A 30 7.12 -2.77 -3.94
N HIS A 31 5.85 -2.43 -3.74
CA HIS A 31 5.42 -1.03 -3.77
C HIS A 31 5.90 -0.30 -2.52
N ARG A 32 5.54 -0.82 -1.35
CA ARG A 32 5.93 -0.22 -0.09
C ARG A 32 7.37 0.29 -0.14
N ARG A 33 8.20 -0.39 -0.93
CA ARG A 33 9.60 -0.01 -1.07
C ARG A 33 9.74 1.50 -1.21
N ILE A 34 8.86 2.10 -2.00
CA ILE A 34 8.89 3.55 -2.21
C ILE A 34 8.40 4.30 -0.97
N HIS A 35 7.54 3.65 -0.20
CA HIS A 35 7.00 4.26 1.02
C HIS A 35 8.06 4.32 2.11
N THR A 36 8.97 3.35 2.10
CA THR A 36 10.04 3.29 3.09
C THR A 36 11.21 4.18 2.68
N GLY A 37 10.90 5.31 2.05
CA GLY A 37 11.94 6.23 1.62
C GLY A 37 13.19 5.52 1.16
N TYR A 38 13.23 5.19 -0.12
CA TYR A 38 14.38 4.50 -0.69
C TYR A 38 15.42 5.49 -1.21
N ARG A 39 16.39 5.83 -0.36
CA ARG A 39 17.44 6.76 -0.73
C ARG A 39 18.78 6.06 -0.83
N PRO A 40 19.61 6.51 -1.79
CA PRO A 40 20.94 5.93 -2.00
C PRO A 40 21.91 6.26 -0.88
N SER A 41 21.99 7.54 -0.53
CA SER A 41 22.88 7.99 0.53
C SER A 41 22.30 7.66 1.91
N GLY A 42 23.13 7.06 2.77
CA GLY A 42 22.68 6.71 4.10
C GLY A 42 23.13 7.71 5.15
N PRO A 43 23.04 7.30 6.43
CA PRO A 43 23.44 8.16 7.55
C PRO A 43 24.95 8.35 7.63
N SER A 44 25.69 7.48 6.94
CA SER A 44 27.14 7.56 6.93
C SER A 44 27.68 7.50 5.50
N SER A 45 28.97 7.77 5.35
CA SER A 45 29.60 7.76 4.04
C SER A 45 30.73 6.74 3.98
N GLY A 46 30.58 5.74 3.12
CA GLY A 46 31.60 4.71 2.99
C GLY A 46 31.55 4.02 1.64
N GLY A 1 -20.31 10.67 -10.04
CA GLY A 1 -19.67 9.53 -9.41
C GLY A 1 -20.16 9.30 -7.99
N SER A 2 -21.49 9.31 -7.83
CA SER A 2 -22.10 9.10 -6.52
C SER A 2 -22.05 7.62 -6.13
N SER A 3 -22.60 6.77 -6.98
CA SER A 3 -22.63 5.34 -6.72
C SER A 3 -21.22 4.75 -6.75
N GLY A 4 -21.09 3.51 -6.30
CA GLY A 4 -19.79 2.86 -6.29
C GLY A 4 -19.76 1.61 -7.14
N SER A 5 -19.86 0.44 -6.50
CA SER A 5 -19.83 -0.83 -7.21
C SER A 5 -18.57 -0.95 -8.06
N SER A 6 -17.43 -0.62 -7.47
CA SER A 6 -16.16 -0.68 -8.17
C SER A 6 -15.37 -1.92 -7.76
N GLY A 7 -15.55 -3.00 -8.50
CA GLY A 7 -14.85 -4.24 -8.19
C GLY A 7 -15.47 -4.99 -7.03
N SER A 8 -14.63 -5.58 -6.19
CA SER A 8 -15.09 -6.32 -5.02
C SER A 8 -14.06 -6.30 -3.91
N GLY A 9 -14.47 -6.74 -2.72
CA GLY A 9 -13.56 -6.76 -1.59
C GLY A 9 -12.45 -7.78 -1.76
N GLU A 10 -12.15 -8.51 -0.69
CA GLU A 10 -11.09 -9.51 -0.72
C GLU A 10 -9.76 -8.90 -1.17
N LYS A 11 -9.43 -7.74 -0.60
CA LYS A 11 -8.19 -7.06 -0.94
C LYS A 11 -7.37 -6.75 0.31
N PRO A 12 -6.82 -7.81 0.92
CA PRO A 12 -6.00 -7.68 2.13
C PRO A 12 -4.66 -7.00 1.86
N TYR A 13 -4.31 -6.89 0.58
CA TYR A 13 -3.05 -6.27 0.19
C TYR A 13 -3.26 -4.80 -0.17
N LYS A 14 -4.08 -4.12 0.63
CA LYS A 14 -4.37 -2.70 0.40
C LYS A 14 -3.49 -1.82 1.30
N CYS A 15 -2.79 -0.89 0.68
CA CYS A 15 -1.91 0.03 1.41
C CYS A 15 -2.70 1.20 1.98
N SER A 16 -2.48 1.50 3.26
CA SER A 16 -3.17 2.59 3.92
C SER A 16 -2.37 3.88 3.82
N GLU A 17 -1.06 3.75 3.66
CA GLU A 17 -0.18 4.91 3.53
C GLU A 17 -0.63 5.83 2.40
N CYS A 18 -0.72 5.27 1.19
CA CYS A 18 -1.15 6.02 0.03
C CYS A 18 -2.59 5.72 -0.33
N GLY A 19 -2.96 4.44 -0.25
CA GLY A 19 -4.31 4.04 -0.57
C GLY A 19 -4.39 3.22 -1.84
N LYS A 20 -3.53 2.21 -1.95
CA LYS A 20 -3.51 1.35 -3.13
C LYS A 20 -3.97 -0.06 -2.77
N ALA A 21 -4.20 -0.88 -3.80
CA ALA A 21 -4.64 -2.25 -3.60
C ALA A 21 -4.05 -3.18 -4.67
N PHE A 22 -3.52 -4.30 -4.23
CA PHE A 22 -2.91 -5.28 -5.13
C PHE A 22 -3.57 -6.64 -4.98
N HIS A 23 -3.47 -7.47 -6.02
CA HIS A 23 -4.06 -8.80 -6.01
C HIS A 23 -3.15 -9.78 -5.25
N ARG A 24 -1.87 -9.78 -5.60
CA ARG A 24 -0.91 -10.66 -4.96
C ARG A 24 -0.09 -9.91 -3.93
N HIS A 25 0.56 -10.65 -3.02
CA HIS A 25 1.38 -10.05 -1.98
C HIS A 25 2.69 -9.51 -2.56
N THR A 26 3.34 -10.33 -3.39
CA THR A 26 4.59 -9.93 -4.01
C THR A 26 4.54 -8.50 -4.51
N HIS A 27 3.46 -8.17 -5.22
CA HIS A 27 3.27 -6.83 -5.76
C HIS A 27 3.26 -5.79 -4.63
N LEU A 28 2.37 -5.97 -3.67
CA LEU A 28 2.26 -5.05 -2.55
C LEU A 28 3.61 -4.83 -1.88
N ASN A 29 4.23 -5.93 -1.47
CA ASN A 29 5.54 -5.87 -0.81
C ASN A 29 6.47 -4.91 -1.56
N GLU A 30 6.53 -5.07 -2.88
CA GLU A 30 7.39 -4.23 -3.71
C GLU A 30 6.99 -2.76 -3.59
N HIS A 31 5.72 -2.48 -3.86
CA HIS A 31 5.20 -1.12 -3.79
C HIS A 31 5.60 -0.45 -2.47
N ARG A 32 5.32 -1.14 -1.36
CA ARG A 32 5.64 -0.61 -0.03
C ARG A 32 7.00 0.09 -0.04
N ARG A 33 7.86 -0.32 -0.98
CA ARG A 33 9.19 0.26 -1.09
C ARG A 33 9.12 1.79 -1.11
N ILE A 34 8.26 2.32 -1.96
CA ILE A 34 8.09 3.77 -2.08
C ILE A 34 7.85 4.40 -0.71
N HIS A 35 7.45 3.58 0.25
CA HIS A 35 7.20 4.06 1.61
C HIS A 35 8.38 3.77 2.52
N THR A 36 9.07 2.67 2.25
CA THR A 36 10.22 2.28 3.06
C THR A 36 11.53 2.65 2.37
N GLY A 37 12.08 3.80 2.75
CA GLY A 37 13.33 4.26 2.15
C GLY A 37 13.67 5.68 2.55
N TYR A 38 13.85 6.54 1.56
CA TYR A 38 14.19 7.94 1.81
C TYR A 38 13.65 8.84 0.70
N ARG A 39 12.88 9.85 1.09
CA ARG A 39 12.30 10.78 0.13
C ARG A 39 12.25 12.19 0.71
N PRO A 40 12.30 13.20 -0.17
CA PRO A 40 12.25 14.61 0.23
C PRO A 40 10.89 15.02 0.77
N SER A 41 9.90 14.16 0.57
CA SER A 41 8.54 14.43 1.03
C SER A 41 8.56 15.07 2.41
N GLY A 42 8.96 14.29 3.41
CA GLY A 42 9.02 14.80 4.77
C GLY A 42 9.43 13.74 5.76
N PRO A 43 9.98 14.18 6.90
CA PRO A 43 10.43 13.27 7.97
C PRO A 43 9.27 12.60 8.69
N SER A 44 8.83 11.47 8.16
CA SER A 44 7.72 10.72 8.75
C SER A 44 7.76 9.26 8.34
N SER A 45 7.85 8.37 9.32
CA SER A 45 7.90 6.94 9.07
C SER A 45 6.64 6.25 9.57
N GLY A 46 6.08 5.36 8.75
CA GLY A 46 4.89 4.65 9.13
C GLY A 46 5.12 3.17 9.32
N GLY A 1 -24.66 11.11 -1.92
CA GLY A 1 -24.30 9.93 -2.68
C GLY A 1 -24.34 8.67 -1.84
N SER A 2 -25.43 7.90 -1.96
CA SER A 2 -25.59 6.67 -1.20
C SER A 2 -25.84 5.49 -2.13
N SER A 3 -24.98 4.48 -2.05
CA SER A 3 -25.11 3.29 -2.88
C SER A 3 -24.16 2.20 -2.41
N GLY A 4 -24.70 0.99 -2.23
CA GLY A 4 -23.89 -0.13 -1.79
C GLY A 4 -23.38 -0.97 -2.94
N SER A 5 -22.37 -1.79 -2.67
CA SER A 5 -21.79 -2.64 -3.70
C SER A 5 -21.21 -1.81 -4.84
N SER A 6 -20.39 -0.82 -4.47
CA SER A 6 -19.77 0.06 -5.46
C SER A 6 -18.34 -0.39 -5.76
N GLY A 7 -18.00 -1.60 -5.31
CA GLY A 7 -16.67 -2.13 -5.54
C GLY A 7 -16.68 -3.37 -6.40
N SER A 8 -15.68 -3.50 -7.28
CA SER A 8 -15.60 -4.64 -8.17
C SER A 8 -14.92 -5.82 -7.47
N GLY A 9 -14.64 -5.66 -6.18
CA GLY A 9 -14.00 -6.71 -5.42
C GLY A 9 -12.82 -6.22 -4.62
N GLU A 10 -13.00 -6.11 -3.30
CA GLU A 10 -11.93 -5.63 -2.43
C GLU A 10 -10.80 -6.65 -2.36
N LYS A 11 -9.66 -6.21 -1.82
CA LYS A 11 -8.49 -7.08 -1.70
C LYS A 11 -7.92 -7.03 -0.29
N PRO A 12 -7.44 -8.18 0.20
CA PRO A 12 -6.85 -8.29 1.54
C PRO A 12 -5.52 -7.56 1.66
N TYR A 13 -4.93 -7.22 0.51
CA TYR A 13 -3.66 -6.52 0.49
C TYR A 13 -3.85 -5.06 0.08
N LYS A 14 -3.93 -4.18 1.09
CA LYS A 14 -4.10 -2.75 0.84
C LYS A 14 -2.98 -1.94 1.48
N CYS A 15 -2.29 -1.15 0.67
CA CYS A 15 -1.19 -0.33 1.15
C CYS A 15 -1.68 0.68 2.18
N SER A 16 -1.29 0.49 3.44
CA SER A 16 -1.70 1.39 4.51
C SER A 16 -0.77 2.59 4.60
N GLU A 17 -0.38 3.12 3.45
CA GLU A 17 0.52 4.26 3.39
C GLU A 17 0.00 5.31 2.41
N CYS A 18 -0.52 4.85 1.28
CA CYS A 18 -1.04 5.74 0.25
C CYS A 18 -2.49 5.40 -0.07
N GLY A 19 -2.81 4.11 -0.07
CA GLY A 19 -4.16 3.67 -0.36
C GLY A 19 -4.27 2.99 -1.71
N LYS A 20 -3.50 1.91 -1.88
CA LYS A 20 -3.51 1.16 -3.14
C LYS A 20 -3.72 -0.32 -2.88
N ALA A 21 -4.70 -0.91 -3.58
CA ALA A 21 -5.00 -2.33 -3.43
C ALA A 21 -4.39 -3.14 -4.57
N PHE A 22 -3.82 -4.28 -4.22
CA PHE A 22 -3.20 -5.15 -5.21
C PHE A 22 -3.83 -6.54 -5.19
N HIS A 23 -3.40 -7.41 -6.11
CA HIS A 23 -3.93 -8.76 -6.19
C HIS A 23 -2.94 -9.77 -5.61
N ARG A 24 -1.65 -9.51 -5.80
CA ARG A 24 -0.61 -10.39 -5.29
C ARG A 24 0.20 -9.71 -4.19
N HIS A 25 0.22 -10.32 -3.02
CA HIS A 25 0.95 -9.77 -1.88
C HIS A 25 2.31 -9.22 -2.31
N THR A 26 3.13 -10.09 -2.88
CA THR A 26 4.45 -9.70 -3.35
C THR A 26 4.43 -8.30 -3.94
N HIS A 27 3.53 -8.08 -4.90
CA HIS A 27 3.42 -6.79 -5.55
C HIS A 27 3.30 -5.67 -4.52
N LEU A 28 2.48 -5.89 -3.50
CA LEU A 28 2.28 -4.90 -2.44
C LEU A 28 3.58 -4.64 -1.69
N ASN A 29 4.12 -5.69 -1.08
CA ASN A 29 5.36 -5.58 -0.32
C ASN A 29 6.40 -4.79 -1.10
N GLU A 30 6.45 -5.02 -2.41
CA GLU A 30 7.40 -4.32 -3.27
C GLU A 30 6.94 -2.90 -3.55
N HIS A 31 5.63 -2.70 -3.60
CA HIS A 31 5.07 -1.38 -3.86
C HIS A 31 5.44 -0.40 -2.75
N ARG A 32 5.42 -0.88 -1.51
CA ARG A 32 5.75 -0.05 -0.36
C ARG A 32 7.19 0.44 -0.44
N ARG A 33 7.98 -0.18 -1.32
CA ARG A 33 9.38 0.18 -1.49
C ARG A 33 9.54 1.69 -1.57
N ILE A 34 8.54 2.37 -2.12
CA ILE A 34 8.56 3.81 -2.25
C ILE A 34 8.27 4.50 -0.92
N HIS A 35 7.46 3.83 -0.10
CA HIS A 35 7.09 4.37 1.21
C HIS A 35 8.11 3.96 2.27
N THR A 36 9.06 3.12 1.87
CA THR A 36 10.09 2.65 2.78
C THR A 36 11.49 2.92 2.23
N GLY A 37 12.48 2.96 3.12
CA GLY A 37 13.85 3.22 2.70
C GLY A 37 14.04 4.64 2.21
N TYR A 38 13.76 5.60 3.08
CA TYR A 38 13.90 7.01 2.73
C TYR A 38 15.37 7.40 2.66
N ARG A 39 15.64 8.54 2.02
CA ARG A 39 17.02 9.03 1.89
C ARG A 39 17.42 9.86 3.10
N PRO A 40 18.69 9.74 3.49
CA PRO A 40 19.23 10.48 4.65
C PRO A 40 19.35 11.97 4.37
N SER A 41 19.14 12.36 3.12
CA SER A 41 19.22 13.76 2.73
C SER A 41 17.94 14.20 2.02
N GLY A 42 17.24 15.18 2.61
CA GLY A 42 16.02 15.67 2.02
C GLY A 42 15.23 16.53 2.99
N PRO A 43 13.94 16.75 2.66
CA PRO A 43 13.05 17.57 3.50
C PRO A 43 12.70 16.90 4.82
N SER A 44 12.86 17.63 5.91
CA SER A 44 12.57 17.09 7.24
C SER A 44 11.34 17.77 7.85
N SER A 45 10.27 17.00 7.98
CA SER A 45 9.03 17.52 8.53
C SER A 45 8.33 16.46 9.39
N GLY A 46 8.26 16.71 10.68
CA GLY A 46 7.61 15.77 11.59
C GLY A 46 6.12 15.64 11.33
N GLY A 1 -27.14 8.74 -4.53
CA GLY A 1 -26.98 7.41 -5.08
C GLY A 1 -25.84 7.33 -6.08
N SER A 2 -24.91 6.42 -5.84
CA SER A 2 -23.77 6.24 -6.72
C SER A 2 -23.05 4.92 -6.43
N SER A 3 -22.84 4.14 -7.48
CA SER A 3 -22.17 2.84 -7.35
C SER A 3 -20.68 2.97 -7.65
N GLY A 4 -19.86 2.44 -6.74
CA GLY A 4 -18.42 2.51 -6.92
C GLY A 4 -17.67 1.65 -5.93
N SER A 5 -17.63 0.34 -6.19
CA SER A 5 -16.95 -0.59 -5.31
C SER A 5 -15.84 -1.31 -6.05
N SER A 6 -14.60 -1.07 -5.64
CA SER A 6 -13.44 -1.69 -6.26
C SER A 6 -12.71 -2.60 -5.27
N GLY A 7 -12.78 -3.90 -5.51
CA GLY A 7 -12.13 -4.85 -4.63
C GLY A 7 -12.84 -5.01 -3.31
N SER A 8 -13.43 -6.18 -3.09
CA SER A 8 -14.15 -6.46 -1.85
C SER A 8 -13.66 -7.74 -1.21
N GLY A 9 -12.80 -8.46 -1.92
CA GLY A 9 -12.26 -9.71 -1.40
C GLY A 9 -11.09 -10.23 -2.22
N GLU A 10 -11.13 -9.95 -3.52
CA GLU A 10 -10.07 -10.40 -4.42
C GLU A 10 -8.70 -9.95 -3.91
N LYS A 11 -8.55 -8.65 -3.71
CA LYS A 11 -7.30 -8.08 -3.23
C LYS A 11 -7.45 -7.56 -1.80
N PRO A 12 -7.38 -8.45 -0.82
CA PRO A 12 -7.51 -8.10 0.59
C PRO A 12 -6.30 -7.31 1.11
N TYR A 13 -5.30 -7.17 0.25
CA TYR A 13 -4.09 -6.44 0.62
C TYR A 13 -4.15 -4.99 0.13
N LYS A 14 -4.26 -4.05 1.06
CA LYS A 14 -4.32 -2.64 0.73
C LYS A 14 -3.32 -1.84 1.55
N CYS A 15 -2.47 -1.09 0.87
CA CYS A 15 -1.46 -0.27 1.54
C CYS A 15 -2.11 0.80 2.41
N SER A 16 -1.79 0.77 3.70
CA SER A 16 -2.34 1.74 4.64
C SER A 16 -1.42 2.93 4.81
N GLU A 17 -0.80 3.35 3.70
CA GLU A 17 0.11 4.49 3.72
C GLU A 17 -0.27 5.52 2.66
N CYS A 18 -0.81 5.03 1.55
CA CYS A 18 -1.22 5.90 0.45
C CYS A 18 -2.61 5.51 -0.06
N GLY A 19 -2.80 4.22 -0.28
CA GLY A 19 -4.08 3.73 -0.78
C GLY A 19 -3.94 2.89 -2.03
N LYS A 20 -3.05 1.91 -1.98
CA LYS A 20 -2.82 1.03 -3.12
C LYS A 20 -2.90 -0.44 -2.70
N ALA A 21 -3.84 -1.17 -3.30
CA ALA A 21 -4.02 -2.58 -2.99
C ALA A 21 -3.65 -3.45 -4.19
N PHE A 22 -3.13 -4.65 -3.90
CA PHE A 22 -2.74 -5.58 -4.95
C PHE A 22 -3.21 -7.00 -4.62
N HIS A 23 -3.89 -7.63 -5.57
CA HIS A 23 -4.38 -8.99 -5.39
C HIS A 23 -3.25 -9.93 -5.03
N ARG A 24 -2.03 -9.55 -5.39
CA ARG A 24 -0.85 -10.37 -5.09
C ARG A 24 0.10 -9.64 -4.14
N HIS A 25 0.32 -10.22 -2.97
CA HIS A 25 1.20 -9.63 -1.98
C HIS A 25 2.51 -9.18 -2.61
N THR A 26 3.14 -10.08 -3.35
CA THR A 26 4.40 -9.77 -4.01
C THR A 26 4.40 -8.35 -4.57
N HIS A 27 3.27 -7.93 -5.13
CA HIS A 27 3.14 -6.59 -5.69
C HIS A 27 3.16 -5.54 -4.59
N LEU A 28 2.30 -5.71 -3.60
CA LEU A 28 2.22 -4.77 -2.49
C LEU A 28 3.55 -4.69 -1.74
N ASN A 29 4.02 -5.85 -1.27
CA ASN A 29 5.27 -5.92 -0.53
C ASN A 29 6.35 -5.08 -1.21
N GLU A 30 6.28 -5.02 -2.54
CA GLU A 30 7.25 -4.25 -3.31
C GLU A 30 6.88 -2.78 -3.35
N HIS A 31 5.63 -2.50 -3.71
CA HIS A 31 5.14 -1.12 -3.77
C HIS A 31 5.55 -0.34 -2.53
N ARG A 32 5.24 -0.89 -1.36
CA ARG A 32 5.56 -0.24 -0.10
C ARG A 32 6.95 0.40 -0.16
N ARG A 33 7.80 -0.14 -1.03
CA ARG A 33 9.16 0.37 -1.18
C ARG A 33 9.14 1.88 -1.39
N ILE A 34 8.24 2.36 -2.24
CA ILE A 34 8.13 3.77 -2.53
C ILE A 34 8.05 4.59 -1.25
N HIS A 35 7.64 3.94 -0.16
CA HIS A 35 7.51 4.61 1.13
C HIS A 35 8.84 4.55 1.89
N THR A 36 9.57 3.45 1.72
CA THR A 36 10.86 3.28 2.40
C THR A 36 11.94 4.13 1.74
N GLY A 37 12.85 4.64 2.56
CA GLY A 37 13.93 5.46 2.03
C GLY A 37 15.14 4.65 1.65
N TYR A 38 16.24 5.33 1.33
CA TYR A 38 17.48 4.66 0.94
C TYR A 38 17.98 3.76 2.07
N ARG A 39 19.03 3.01 1.78
CA ARG A 39 19.62 2.11 2.76
C ARG A 39 20.91 2.69 3.34
N PRO A 40 21.14 2.44 4.64
CA PRO A 40 22.33 2.94 5.34
C PRO A 40 23.60 2.23 4.88
N SER A 41 23.53 0.90 4.78
CA SER A 41 24.68 0.10 4.35
C SER A 41 24.23 -1.13 3.60
N GLY A 42 25.19 -1.86 3.03
CA GLY A 42 24.88 -3.07 2.28
C GLY A 42 25.71 -3.20 1.02
N PRO A 43 26.99 -3.57 1.20
CA PRO A 43 27.92 -3.74 0.09
C PRO A 43 27.58 -4.97 -0.77
N SER A 44 27.37 -4.74 -2.07
CA SER A 44 27.04 -5.82 -2.99
C SER A 44 27.82 -5.68 -4.29
N SER A 45 28.79 -6.58 -4.49
CA SER A 45 29.61 -6.56 -5.69
C SER A 45 28.83 -7.08 -6.88
N GLY A 46 29.17 -6.57 -8.07
CA GLY A 46 28.50 -7.00 -9.28
C GLY A 46 27.81 -5.86 -9.99
N GLY A 1 -29.70 -7.24 -3.35
CA GLY A 1 -29.84 -7.18 -1.91
C GLY A 1 -29.16 -5.96 -1.31
N SER A 2 -28.73 -6.08 -0.06
CA SER A 2 -28.07 -4.97 0.63
C SER A 2 -26.64 -5.35 1.00
N SER A 3 -26.48 -6.51 1.64
CA SER A 3 -25.18 -6.98 2.06
C SER A 3 -24.33 -7.39 0.86
N GLY A 4 -24.96 -8.10 -0.08
CA GLY A 4 -24.25 -8.54 -1.26
C GLY A 4 -23.30 -9.69 -0.99
N SER A 5 -23.29 -10.67 -1.87
CA SER A 5 -22.42 -11.83 -1.71
C SER A 5 -21.27 -11.79 -2.71
N SER A 6 -21.59 -11.53 -3.97
CA SER A 6 -20.59 -11.47 -5.02
C SER A 6 -19.40 -10.62 -4.59
N GLY A 7 -18.20 -11.15 -4.79
CA GLY A 7 -16.99 -10.42 -4.41
C GLY A 7 -16.40 -9.66 -5.58
N SER A 8 -15.84 -10.39 -6.54
CA SER A 8 -15.22 -9.77 -7.71
C SER A 8 -14.20 -8.71 -7.28
N GLY A 9 -13.38 -9.05 -6.29
CA GLY A 9 -12.37 -8.12 -5.80
C GLY A 9 -11.76 -8.56 -4.49
N GLU A 10 -11.11 -9.72 -4.50
CA GLU A 10 -10.48 -10.25 -3.29
C GLU A 10 -9.04 -9.77 -3.17
N LYS A 11 -8.88 -8.49 -2.85
CA LYS A 11 -7.56 -7.89 -2.70
C LYS A 11 -7.41 -7.23 -1.33
N PRO A 12 -7.31 -8.06 -0.28
CA PRO A 12 -7.17 -7.57 1.10
C PRO A 12 -5.80 -6.95 1.35
N TYR A 13 -4.94 -6.97 0.32
CA TYR A 13 -3.60 -6.42 0.43
C TYR A 13 -3.61 -4.92 0.12
N LYS A 14 -4.28 -4.16 0.97
CA LYS A 14 -4.38 -2.71 0.79
C LYS A 14 -3.18 -2.01 1.44
N CYS A 15 -2.66 -0.99 0.76
CA CYS A 15 -1.52 -0.23 1.27
C CYS A 15 -1.99 0.88 2.21
N SER A 16 -1.54 0.81 3.47
CA SER A 16 -1.92 1.81 4.46
C SER A 16 -0.90 2.94 4.49
N GLU A 17 -0.39 3.30 3.32
CA GLU A 17 0.60 4.38 3.21
C GLU A 17 0.16 5.41 2.18
N CYS A 18 -0.51 4.95 1.14
CA CYS A 18 -0.98 5.84 0.07
C CYS A 18 -2.47 5.63 -0.18
N GLY A 19 -2.87 4.37 -0.30
CA GLY A 19 -4.27 4.06 -0.54
C GLY A 19 -4.46 3.22 -1.79
N LYS A 20 -3.63 2.19 -1.95
CA LYS A 20 -3.72 1.30 -3.10
C LYS A 20 -4.11 -0.11 -2.68
N ALA A 21 -4.37 -0.96 -3.66
CA ALA A 21 -4.74 -2.35 -3.39
C ALA A 21 -4.14 -3.30 -4.41
N PHE A 22 -3.57 -4.40 -3.94
CA PHE A 22 -2.94 -5.38 -4.81
C PHE A 22 -3.51 -6.78 -4.55
N HIS A 23 -3.37 -7.66 -5.54
CA HIS A 23 -3.86 -9.02 -5.41
C HIS A 23 -2.76 -9.95 -4.94
N ARG A 24 -1.58 -9.82 -5.52
CA ARG A 24 -0.44 -10.65 -5.16
C ARG A 24 0.48 -9.93 -4.19
N HIS A 25 0.76 -10.55 -3.05
CA HIS A 25 1.62 -9.96 -2.04
C HIS A 25 2.80 -9.24 -2.69
N THR A 26 3.58 -9.98 -3.48
CA THR A 26 4.74 -9.41 -4.16
C THR A 26 4.49 -7.96 -4.57
N HIS A 27 3.32 -7.71 -5.17
CA HIS A 27 2.96 -6.37 -5.61
C HIS A 27 2.88 -5.42 -4.43
N LEU A 28 2.13 -5.80 -3.40
CA LEU A 28 1.96 -4.97 -2.21
C LEU A 28 3.32 -4.69 -1.56
N ASN A 29 4.09 -5.75 -1.34
CA ASN A 29 5.41 -5.62 -0.72
C ASN A 29 6.32 -4.73 -1.58
N GLU A 30 6.59 -5.18 -2.81
CA GLU A 30 7.43 -4.45 -3.72
C GLU A 30 7.03 -2.97 -3.78
N HIS A 31 5.74 -2.72 -3.59
CA HIS A 31 5.21 -1.36 -3.61
C HIS A 31 5.63 -0.59 -2.37
N ARG A 32 5.30 -1.14 -1.20
CA ARG A 32 5.64 -0.50 0.06
C ARG A 32 7.02 0.14 0.00
N ARG A 33 7.88 -0.39 -0.88
CA ARG A 33 9.23 0.12 -1.03
C ARG A 33 9.22 1.65 -1.21
N ILE A 34 8.41 2.11 -2.16
CA ILE A 34 8.30 3.55 -2.42
C ILE A 34 8.01 4.32 -1.14
N HIS A 35 7.56 3.62 -0.12
CA HIS A 35 7.25 4.24 1.17
C HIS A 35 8.39 4.03 2.15
N THR A 36 9.12 2.94 1.98
CA THR A 36 10.24 2.63 2.87
C THR A 36 11.56 2.63 2.11
N GLY A 37 12.46 3.54 2.49
CA GLY A 37 13.76 3.63 1.84
C GLY A 37 14.81 4.27 2.72
N TYR A 38 16.08 4.09 2.35
CA TYR A 38 17.17 4.66 3.12
C TYR A 38 17.53 6.05 2.61
N ARG A 39 18.06 6.88 3.51
CA ARG A 39 18.44 8.25 3.16
C ARG A 39 19.96 8.43 3.28
N PRO A 40 20.51 9.28 2.41
CA PRO A 40 21.95 9.57 2.40
C PRO A 40 22.39 10.37 3.62
N SER A 41 22.97 9.67 4.60
CA SER A 41 23.43 10.32 5.82
C SER A 41 24.36 11.48 5.50
N GLY A 42 24.08 12.65 6.07
CA GLY A 42 24.91 13.82 5.83
C GLY A 42 24.61 14.94 6.80
N PRO A 43 25.65 15.71 7.16
CA PRO A 43 25.51 16.84 8.09
C PRO A 43 24.74 18.00 7.47
N SER A 44 24.55 17.95 6.16
CA SER A 44 23.83 19.00 5.45
C SER A 44 22.51 19.33 6.16
N SER A 45 22.26 20.62 6.35
CA SER A 45 21.03 21.07 7.01
C SER A 45 19.82 20.84 6.12
N GLY A 46 18.65 20.68 6.75
CA GLY A 46 17.43 20.45 6.00
C GLY A 46 16.29 19.97 6.89
N GLY A 1 -29.91 11.95 4.59
CA GLY A 1 -29.07 11.41 3.54
C GLY A 1 -27.71 12.10 3.48
N SER A 2 -26.69 11.35 3.12
CA SER A 2 -25.33 11.89 3.02
C SER A 2 -24.65 11.42 1.73
N SER A 3 -24.42 12.37 0.83
CA SER A 3 -23.77 12.07 -0.44
C SER A 3 -22.28 11.82 -0.26
N GLY A 4 -21.92 10.61 0.15
CA GLY A 4 -20.53 10.28 0.35
C GLY A 4 -20.08 9.09 -0.48
N SER A 5 -18.81 8.72 -0.35
CA SER A 5 -18.26 7.61 -1.11
C SER A 5 -17.22 6.86 -0.28
N SER A 6 -17.18 5.54 -0.45
CA SER A 6 -16.23 4.69 0.28
C SER A 6 -15.17 4.14 -0.66
N GLY A 7 -13.97 3.93 -0.13
CA GLY A 7 -12.88 3.40 -0.92
C GLY A 7 -12.39 2.06 -0.41
N SER A 8 -13.14 1.00 -0.68
CA SER A 8 -12.78 -0.34 -0.23
C SER A 8 -12.52 -1.25 -1.42
N GLY A 9 -11.33 -1.83 -1.47
CA GLY A 9 -10.98 -2.72 -2.56
C GLY A 9 -11.19 -4.18 -2.20
N GLU A 10 -11.87 -4.91 -3.07
CA GLU A 10 -12.14 -6.32 -2.85
C GLU A 10 -10.86 -7.07 -2.51
N LYS A 11 -9.73 -6.56 -3.02
CA LYS A 11 -8.43 -7.18 -2.77
C LYS A 11 -8.13 -7.24 -1.27
N PRO A 12 -7.44 -8.31 -0.85
CA PRO A 12 -7.08 -8.50 0.56
C PRO A 12 -6.01 -7.50 1.03
N TYR A 13 -4.94 -7.39 0.25
CA TYR A 13 -3.85 -6.48 0.58
C TYR A 13 -4.20 -5.05 0.19
N LYS A 14 -4.14 -4.14 1.16
CA LYS A 14 -4.45 -2.75 0.91
C LYS A 14 -3.43 -1.83 1.59
N CYS A 15 -2.55 -1.24 0.81
CA CYS A 15 -1.52 -0.35 1.34
C CYS A 15 -2.14 0.67 2.30
N SER A 16 -1.58 0.77 3.49
CA SER A 16 -2.07 1.71 4.50
C SER A 16 -1.13 2.91 4.62
N GLU A 17 -0.68 3.41 3.47
CA GLU A 17 0.22 4.57 3.47
C GLU A 17 -0.28 5.63 2.49
N CYS A 18 -0.82 5.19 1.35
CA CYS A 18 -1.33 6.10 0.34
C CYS A 18 -2.74 5.71 -0.08
N GLY A 19 -2.97 4.40 -0.23
CA GLY A 19 -4.28 3.92 -0.62
C GLY A 19 -4.22 2.99 -1.82
N LYS A 20 -3.14 2.22 -1.92
CA LYS A 20 -2.95 1.29 -3.02
C LYS A 20 -3.40 -0.12 -2.62
N ALA A 21 -3.78 -0.91 -3.62
CA ALA A 21 -4.24 -2.28 -3.37
C ALA A 21 -3.68 -3.24 -4.43
N PHE A 22 -3.31 -4.43 -3.99
CA PHE A 22 -2.76 -5.44 -4.89
C PHE A 22 -3.33 -6.81 -4.59
N HIS A 23 -3.66 -7.56 -5.64
CA HIS A 23 -4.22 -8.90 -5.49
C HIS A 23 -3.21 -9.85 -4.87
N ARG A 24 -1.94 -9.69 -5.27
CA ARG A 24 -0.87 -10.54 -4.75
C ARG A 24 -0.01 -9.79 -3.74
N HIS A 25 0.45 -10.49 -2.71
CA HIS A 25 1.27 -9.89 -1.68
C HIS A 25 2.56 -9.34 -2.28
N THR A 26 3.23 -10.14 -3.09
CA THR A 26 4.49 -9.74 -3.72
C THR A 26 4.37 -8.32 -4.27
N HIS A 27 3.29 -8.05 -5.00
CA HIS A 27 3.07 -6.74 -5.60
C HIS A 27 3.05 -5.66 -4.51
N LEU A 28 2.22 -5.86 -3.50
CA LEU A 28 2.10 -4.90 -2.40
C LEU A 28 3.47 -4.56 -1.83
N ASN A 29 4.23 -5.60 -1.47
CA ASN A 29 5.56 -5.41 -0.91
C ASN A 29 6.44 -4.61 -1.85
N GLU A 30 6.43 -5.00 -3.13
CA GLU A 30 7.23 -4.31 -4.14
C GLU A 30 6.85 -2.84 -4.22
N HIS A 31 5.68 -2.50 -3.69
CA HIS A 31 5.20 -1.12 -3.71
C HIS A 31 5.65 -0.37 -2.47
N ARG A 32 5.41 -0.97 -1.30
CA ARG A 32 5.79 -0.36 -0.03
C ARG A 32 7.18 0.25 -0.11
N ARG A 33 7.98 -0.26 -1.04
CA ARG A 33 9.34 0.24 -1.23
C ARG A 33 9.36 1.76 -1.30
N ILE A 34 8.47 2.32 -2.12
CA ILE A 34 8.39 3.77 -2.28
C ILE A 34 8.01 4.45 -0.97
N HIS A 35 7.46 3.67 -0.04
CA HIS A 35 7.07 4.20 1.26
C HIS A 35 8.19 4.04 2.28
N THR A 36 9.06 3.06 2.05
CA THR A 36 10.18 2.80 2.95
C THR A 36 11.51 3.08 2.26
N GLY A 37 12.31 3.95 2.88
CA GLY A 37 13.60 4.28 2.31
C GLY A 37 13.50 5.30 1.19
N TYR A 38 12.58 6.25 1.34
CA TYR A 38 12.38 7.28 0.32
C TYR A 38 13.55 8.26 0.29
N ARG A 39 13.73 8.92 -0.84
CA ARG A 39 14.82 9.89 -1.00
C ARG A 39 14.30 11.19 -1.60
N PRO A 40 14.93 12.31 -1.20
CA PRO A 40 14.56 13.64 -1.69
C PRO A 40 14.90 13.84 -3.16
N SER A 41 15.93 13.13 -3.62
CA SER A 41 16.36 13.24 -5.01
C SER A 41 17.38 12.14 -5.35
N GLY A 42 17.08 11.36 -6.38
CA GLY A 42 17.97 10.28 -6.78
C GLY A 42 19.42 10.72 -6.83
N PRO A 43 20.33 9.82 -6.43
CA PRO A 43 21.76 10.09 -6.41
C PRO A 43 22.35 10.22 -7.81
N SER A 44 21.55 9.87 -8.82
CA SER A 44 21.99 9.93 -10.21
C SER A 44 21.16 10.95 -10.99
N SER A 45 21.55 12.22 -10.88
CA SER A 45 20.84 13.29 -11.58
C SER A 45 19.33 13.07 -11.52
N GLY A 46 18.84 12.68 -10.35
CA GLY A 46 17.41 12.43 -10.20
C GLY A 46 16.59 13.71 -10.28
N GLY A 1 -24.13 14.33 0.63
CA GLY A 1 -23.02 13.51 0.16
C GLY A 1 -23.49 12.38 -0.74
N SER A 2 -23.28 12.53 -2.04
CA SER A 2 -23.68 11.52 -3.01
C SER A 2 -22.82 10.26 -2.88
N SER A 3 -23.22 9.21 -3.59
CA SER A 3 -22.49 7.95 -3.54
C SER A 3 -22.72 7.14 -4.82
N GLY A 4 -21.89 6.13 -5.03
CA GLY A 4 -22.02 5.30 -6.21
C GLY A 4 -22.06 3.81 -5.88
N SER A 5 -22.77 3.04 -6.70
CA SER A 5 -22.88 1.60 -6.49
C SER A 5 -21.93 0.84 -7.40
N SER A 6 -20.71 1.32 -7.51
CA SER A 6 -19.71 0.69 -8.37
C SER A 6 -18.54 0.17 -7.54
N GLY A 7 -18.27 -1.13 -7.65
CA GLY A 7 -17.17 -1.73 -6.91
C GLY A 7 -16.96 -3.18 -7.27
N SER A 8 -15.84 -3.47 -7.92
CA SER A 8 -15.52 -4.84 -8.33
C SER A 8 -15.10 -5.68 -7.12
N GLY A 9 -14.17 -5.16 -6.33
CA GLY A 9 -13.70 -5.88 -5.16
C GLY A 9 -12.41 -5.33 -4.63
N GLU A 10 -12.15 -5.56 -3.35
CA GLU A 10 -10.93 -5.08 -2.70
C GLU A 10 -10.09 -6.24 -2.18
N LYS A 11 -8.85 -6.33 -2.61
CA LYS A 11 -7.95 -7.40 -2.18
C LYS A 11 -7.52 -7.18 -0.73
N PRO A 12 -7.19 -8.29 -0.05
CA PRO A 12 -6.75 -8.25 1.36
C PRO A 12 -5.38 -7.63 1.52
N TYR A 13 -4.76 -7.28 0.40
CA TYR A 13 -3.43 -6.66 0.41
C TYR A 13 -3.50 -5.20 -0.01
N LYS A 14 -4.02 -4.36 0.87
CA LYS A 14 -4.13 -2.94 0.58
C LYS A 14 -3.11 -2.13 1.38
N CYS A 15 -2.52 -1.13 0.74
CA CYS A 15 -1.52 -0.29 1.39
C CYS A 15 -2.19 0.75 2.30
N SER A 16 -1.46 1.21 3.30
CA SER A 16 -1.98 2.20 4.24
C SER A 16 -1.29 3.54 4.04
N GLU A 17 -0.04 3.51 3.60
CA GLU A 17 0.74 4.72 3.37
C GLU A 17 0.03 5.63 2.37
N CYS A 18 -0.37 5.06 1.23
CA CYS A 18 -1.05 5.83 0.19
C CYS A 18 -2.50 5.37 0.05
N GLY A 19 -2.69 4.05 -0.03
CA GLY A 19 -4.03 3.51 -0.18
C GLY A 19 -4.19 2.71 -1.46
N LYS A 20 -3.10 2.13 -1.94
CA LYS A 20 -3.13 1.34 -3.16
C LYS A 20 -3.25 -0.14 -2.84
N ALA A 21 -4.16 -0.82 -3.55
CA ALA A 21 -4.37 -2.25 -3.35
C ALA A 21 -3.85 -3.06 -4.52
N PHE A 22 -3.35 -4.25 -4.25
CA PHE A 22 -2.82 -5.13 -5.29
C PHE A 22 -3.50 -6.49 -5.26
N HIS A 23 -3.19 -7.32 -6.25
CA HIS A 23 -3.77 -8.65 -6.33
C HIS A 23 -3.00 -9.64 -5.45
N ARG A 24 -1.70 -9.73 -5.68
CA ARG A 24 -0.84 -10.63 -4.92
C ARG A 24 0.00 -9.86 -3.90
N HIS A 25 0.11 -10.40 -2.70
CA HIS A 25 0.89 -9.76 -1.64
C HIS A 25 2.23 -9.27 -2.17
N THR A 26 3.02 -10.19 -2.73
CA THR A 26 4.32 -9.84 -3.28
C THR A 26 4.28 -8.47 -3.97
N HIS A 27 3.33 -8.30 -4.88
CA HIS A 27 3.19 -7.04 -5.60
C HIS A 27 3.11 -5.87 -4.64
N LEU A 28 2.26 -5.99 -3.63
CA LEU A 28 2.09 -4.94 -2.63
C LEU A 28 3.41 -4.61 -1.94
N ASN A 29 4.06 -5.65 -1.42
CA ASN A 29 5.34 -5.49 -0.73
C ASN A 29 6.29 -4.63 -1.55
N GLU A 30 6.53 -5.05 -2.80
CA GLU A 30 7.43 -4.31 -3.68
C GLU A 30 7.01 -2.85 -3.78
N HIS A 31 5.71 -2.61 -3.74
CA HIS A 31 5.18 -1.24 -3.83
C HIS A 31 5.51 -0.45 -2.57
N ARG A 32 5.26 -1.05 -1.41
CA ARG A 32 5.53 -0.40 -0.13
C ARG A 32 6.89 0.30 -0.17
N ARG A 33 7.77 -0.16 -1.05
CA ARG A 33 9.10 0.43 -1.18
C ARG A 33 9.01 1.94 -1.30
N ILE A 34 8.15 2.41 -2.20
CA ILE A 34 7.99 3.84 -2.42
C ILE A 34 7.89 4.59 -1.10
N HIS A 35 7.49 3.88 -0.04
CA HIS A 35 7.36 4.48 1.28
C HIS A 35 8.60 4.20 2.12
N THR A 36 9.28 3.11 1.81
CA THR A 36 10.48 2.73 2.55
C THR A 36 11.70 2.68 1.64
N GLY A 37 12.20 3.87 1.29
CA GLY A 37 13.36 3.95 0.42
C GLY A 37 14.63 4.29 1.18
N TYR A 38 14.56 5.29 2.04
CA TYR A 38 15.71 5.72 2.82
C TYR A 38 15.27 6.23 4.20
N ARG A 39 15.93 5.74 5.24
CA ARG A 39 15.60 6.15 6.61
C ARG A 39 16.87 6.50 7.37
N PRO A 40 16.74 7.43 8.34
CA PRO A 40 17.86 7.87 9.16
C PRO A 40 18.33 6.80 10.13
N SER A 41 19.57 6.94 10.62
CA SER A 41 20.14 5.97 11.56
C SER A 41 19.54 6.15 12.95
N GLY A 42 19.80 7.30 13.55
CA GLY A 42 19.29 7.58 14.89
C GLY A 42 20.31 8.27 15.77
N PRO A 43 19.82 9.14 16.66
CA PRO A 43 20.68 9.89 17.59
C PRO A 43 21.30 9.00 18.66
N SER A 44 20.74 7.80 18.81
CA SER A 44 21.23 6.86 19.81
C SER A 44 22.22 5.88 19.18
N SER A 45 23.42 5.79 19.78
CA SER A 45 24.45 4.91 19.27
C SER A 45 25.00 5.41 17.95
N GLY A 46 25.29 6.71 17.89
CA GLY A 46 25.82 7.30 16.67
C GLY A 46 24.79 7.38 15.57
N GLY A 1 -30.63 7.36 11.74
CA GLY A 1 -30.61 6.52 10.56
C GLY A 1 -29.37 5.63 10.49
N SER A 2 -29.40 4.65 9.60
CA SER A 2 -28.27 3.73 9.44
C SER A 2 -28.49 2.81 8.25
N SER A 3 -27.59 2.90 7.28
CA SER A 3 -27.70 2.07 6.07
C SER A 3 -26.40 1.29 5.84
N GLY A 4 -26.52 0.14 5.19
CA GLY A 4 -25.35 -0.68 4.93
C GLY A 4 -24.55 -0.18 3.74
N SER A 5 -23.90 -1.10 3.04
CA SER A 5 -23.08 -0.74 1.88
C SER A 5 -23.06 -1.88 0.86
N SER A 6 -22.61 -1.57 -0.35
CA SER A 6 -22.55 -2.57 -1.41
C SER A 6 -21.09 -2.82 -1.82
N GLY A 7 -20.88 -3.85 -2.63
CA GLY A 7 -19.54 -4.18 -3.09
C GLY A 7 -18.99 -5.41 -2.40
N SER A 8 -17.99 -6.03 -3.02
CA SER A 8 -17.37 -7.23 -2.46
C SER A 8 -16.11 -6.87 -1.67
N GLY A 9 -15.73 -7.75 -0.76
CA GLY A 9 -14.54 -7.51 0.05
C GLY A 9 -13.37 -8.36 -0.39
N GLU A 10 -13.15 -8.43 -1.69
CA GLU A 10 -12.04 -9.21 -2.24
C GLU A 10 -10.74 -8.40 -2.23
N LYS A 11 -10.48 -7.73 -1.11
CA LYS A 11 -9.28 -6.92 -0.97
C LYS A 11 -8.54 -7.27 0.32
N PRO A 12 -7.76 -8.36 0.28
CA PRO A 12 -6.99 -8.82 1.45
C PRO A 12 -5.83 -7.88 1.77
N TYR A 13 -5.15 -7.39 0.74
CA TYR A 13 -4.02 -6.49 0.92
C TYR A 13 -4.36 -5.09 0.40
N LYS A 14 -4.06 -4.08 1.21
CA LYS A 14 -4.33 -2.70 0.83
C LYS A 14 -3.37 -1.75 1.54
N CYS A 15 -2.59 -1.00 0.76
CA CYS A 15 -1.63 -0.05 1.31
C CYS A 15 -2.34 1.16 1.89
N SER A 16 -2.37 1.25 3.22
CA SER A 16 -3.03 2.36 3.90
C SER A 16 -2.22 3.65 3.72
N GLU A 17 -0.90 3.52 3.74
CA GLU A 17 -0.01 4.67 3.59
C GLU A 17 -0.53 5.61 2.51
N CYS A 18 -0.65 5.11 1.29
CA CYS A 18 -1.14 5.89 0.17
C CYS A 18 -2.57 5.52 -0.19
N GLY A 19 -2.88 4.23 -0.11
CA GLY A 19 -4.22 3.76 -0.42
C GLY A 19 -4.26 2.94 -1.69
N LYS A 20 -3.23 2.14 -1.92
CA LYS A 20 -3.15 1.31 -3.11
C LYS A 20 -3.21 -0.17 -2.74
N ALA A 21 -4.16 -0.89 -3.32
CA ALA A 21 -4.32 -2.31 -3.06
C ALA A 21 -3.84 -3.15 -4.23
N PHE A 22 -3.56 -4.42 -3.98
CA PHE A 22 -3.09 -5.32 -5.02
C PHE A 22 -3.56 -6.76 -4.75
N HIS A 23 -3.68 -7.54 -5.82
CA HIS A 23 -4.13 -8.92 -5.70
C HIS A 23 -2.96 -9.83 -5.32
N ARG A 24 -1.76 -9.48 -5.77
CA ARG A 24 -0.56 -10.26 -5.48
C ARG A 24 0.21 -9.65 -4.31
N HIS A 25 0.00 -10.21 -3.11
CA HIS A 25 0.67 -9.72 -1.91
C HIS A 25 2.14 -9.45 -2.19
N THR A 26 2.72 -10.23 -3.11
CA THR A 26 4.12 -10.08 -3.47
C THR A 26 4.40 -8.71 -4.08
N HIS A 27 3.59 -8.34 -5.08
CA HIS A 27 3.74 -7.06 -5.74
C HIS A 27 3.63 -5.91 -4.75
N LEU A 28 2.58 -5.95 -3.93
CA LEU A 28 2.34 -4.91 -2.92
C LEU A 28 3.62 -4.63 -2.14
N ASN A 29 4.19 -5.66 -1.53
CA ASN A 29 5.41 -5.51 -0.75
C ASN A 29 6.45 -4.71 -1.53
N GLU A 30 6.58 -5.01 -2.81
CA GLU A 30 7.55 -4.33 -3.67
C GLU A 30 7.18 -2.85 -3.83
N HIS A 31 5.89 -2.56 -3.70
CA HIS A 31 5.40 -1.19 -3.83
C HIS A 31 5.69 -0.39 -2.57
N ARG A 32 5.24 -0.90 -1.42
CA ARG A 32 5.45 -0.22 -0.15
C ARG A 32 6.84 0.39 -0.08
N ARG A 33 7.77 -0.17 -0.84
CA ARG A 33 9.14 0.32 -0.87
C ARG A 33 9.17 1.83 -1.08
N ILE A 34 8.36 2.30 -2.03
CA ILE A 34 8.29 3.73 -2.32
C ILE A 34 8.11 4.55 -1.06
N HIS A 35 7.58 3.93 -0.02
CA HIS A 35 7.35 4.60 1.25
C HIS A 35 8.57 4.49 2.15
N THR A 36 9.29 3.37 2.04
CA THR A 36 10.49 3.14 2.84
C THR A 36 11.75 3.46 2.05
N GLY A 37 12.11 4.75 2.01
CA GLY A 37 13.29 5.16 1.30
C GLY A 37 12.99 6.22 0.26
N TYR A 38 12.64 7.42 0.71
CA TYR A 38 12.33 8.52 -0.19
C TYR A 38 12.36 9.86 0.56
N ARG A 39 12.62 10.93 -0.19
CA ARG A 39 12.69 12.26 0.41
C ARG A 39 11.29 12.85 0.57
N PRO A 40 11.09 13.61 1.66
CA PRO A 40 9.80 14.24 1.96
C PRO A 40 9.48 15.37 0.99
N SER A 41 8.23 15.43 0.55
CA SER A 41 7.79 16.46 -0.39
C SER A 41 6.70 17.32 0.24
N GLY A 42 6.88 17.66 1.51
CA GLY A 42 5.90 18.49 2.20
C GLY A 42 5.21 17.74 3.32
N PRO A 43 5.84 17.68 4.49
CA PRO A 43 5.29 17.00 5.67
C PRO A 43 4.08 17.72 6.25
N SER A 44 3.59 17.22 7.39
CA SER A 44 2.44 17.82 8.04
C SER A 44 1.26 17.91 7.08
N SER A 45 1.04 16.84 6.31
CA SER A 45 -0.05 16.80 5.36
C SER A 45 -1.23 15.98 5.90
N GLY A 46 -2.20 16.67 6.47
CA GLY A 46 -3.36 15.99 7.02
C GLY A 46 -4.14 15.23 5.97
N GLY A 1 -30.83 -2.42 6.77
CA GLY A 1 -29.76 -1.51 6.40
C GLY A 1 -29.23 -0.73 7.59
N SER A 2 -28.05 -1.13 8.06
CA SER A 2 -27.42 -0.48 9.21
C SER A 2 -26.08 0.12 8.83
N SER A 3 -26.02 0.75 7.66
CA SER A 3 -24.79 1.36 7.17
C SER A 3 -23.58 0.49 7.50
N GLY A 4 -23.75 -0.82 7.30
CA GLY A 4 -22.66 -1.75 7.58
C GLY A 4 -21.59 -1.74 6.50
N SER A 5 -21.71 -2.65 5.55
CA SER A 5 -20.76 -2.75 4.45
C SER A 5 -21.28 -3.64 3.33
N SER A 6 -21.18 -3.16 2.11
CA SER A 6 -21.65 -3.92 0.95
C SER A 6 -21.01 -5.30 0.90
N GLY A 7 -21.47 -6.13 -0.04
CA GLY A 7 -20.93 -7.46 -0.17
C GLY A 7 -19.85 -7.55 -1.23
N SER A 8 -20.22 -8.06 -2.41
CA SER A 8 -19.27 -8.19 -3.51
C SER A 8 -18.37 -6.97 -3.60
N GLY A 9 -17.08 -7.18 -3.32
CA GLY A 9 -16.12 -6.09 -3.37
C GLY A 9 -15.20 -6.07 -2.17
N GLU A 10 -14.33 -7.07 -2.07
CA GLU A 10 -13.40 -7.16 -0.95
C GLU A 10 -12.02 -7.57 -1.44
N LYS A 11 -10.99 -6.92 -0.91
CA LYS A 11 -9.61 -7.21 -1.30
C LYS A 11 -8.81 -7.70 -0.09
N PRO A 12 -7.94 -8.70 -0.33
CA PRO A 12 -7.10 -9.28 0.73
C PRO A 12 -6.01 -8.31 1.20
N TYR A 13 -5.29 -7.75 0.25
CA TYR A 13 -4.21 -6.81 0.57
C TYR A 13 -4.62 -5.38 0.23
N LYS A 14 -4.13 -4.42 1.00
CA LYS A 14 -4.44 -3.02 0.76
C LYS A 14 -3.51 -2.11 1.58
N CYS A 15 -2.87 -1.17 0.90
CA CYS A 15 -1.95 -0.25 1.56
C CYS A 15 -2.72 0.87 2.26
N SER A 16 -2.10 1.45 3.29
CA SER A 16 -2.73 2.52 4.05
C SER A 16 -2.03 3.85 3.80
N GLU A 17 -0.71 3.80 3.66
CA GLU A 17 0.09 5.00 3.42
C GLU A 17 -0.51 5.81 2.28
N CYS A 18 -0.54 5.24 1.09
CA CYS A 18 -1.09 5.91 -0.09
C CYS A 18 -2.52 5.48 -0.34
N GLY A 19 -2.79 4.19 -0.16
CA GLY A 19 -4.12 3.67 -0.38
C GLY A 19 -4.23 2.87 -1.66
N LYS A 20 -3.19 2.10 -1.97
CA LYS A 20 -3.17 1.27 -3.17
C LYS A 20 -3.36 -0.21 -2.82
N ALA A 21 -4.29 -0.85 -3.52
CA ALA A 21 -4.57 -2.26 -3.29
C ALA A 21 -3.96 -3.13 -4.38
N PHE A 22 -3.57 -4.35 -4.01
CA PHE A 22 -2.97 -5.28 -4.96
C PHE A 22 -3.61 -6.65 -4.86
N HIS A 23 -3.66 -7.37 -5.99
CA HIS A 23 -4.25 -8.69 -6.03
C HIS A 23 -3.31 -9.73 -5.41
N ARG A 24 -2.02 -9.41 -5.37
CA ARG A 24 -1.03 -10.31 -4.80
C ARG A 24 -0.13 -9.56 -3.81
N HIS A 25 0.40 -10.31 -2.84
CA HIS A 25 1.27 -9.71 -1.83
C HIS A 25 2.56 -9.21 -2.45
N THR A 26 3.20 -10.07 -3.24
CA THR A 26 4.46 -9.71 -3.90
C THR A 26 4.45 -8.25 -4.35
N HIS A 27 3.32 -7.83 -4.91
CA HIS A 27 3.18 -6.46 -5.39
C HIS A 27 3.23 -5.47 -4.23
N LEU A 28 2.30 -5.63 -3.29
CA LEU A 28 2.25 -4.75 -2.12
C LEU A 28 3.61 -4.64 -1.45
N ASN A 29 4.25 -5.79 -1.23
CA ASN A 29 5.56 -5.82 -0.59
C ASN A 29 6.54 -4.92 -1.34
N GLU A 30 6.70 -5.16 -2.63
CA GLU A 30 7.62 -4.38 -3.45
C GLU A 30 7.11 -2.95 -3.60
N HIS A 31 5.79 -2.77 -3.46
CA HIS A 31 5.19 -1.45 -3.58
C HIS A 31 5.66 -0.52 -2.46
N ARG A 32 5.67 -1.04 -1.24
CA ARG A 32 6.10 -0.26 -0.09
C ARG A 32 7.46 0.38 -0.34
N ARG A 33 8.18 -0.13 -1.34
CA ARG A 33 9.49 0.39 -1.68
C ARG A 33 9.48 1.90 -1.76
N ILE A 34 8.39 2.45 -2.31
CA ILE A 34 8.24 3.89 -2.44
C ILE A 34 8.04 4.56 -1.09
N HIS A 35 7.50 3.80 -0.15
CA HIS A 35 7.25 4.31 1.21
C HIS A 35 8.49 4.18 2.07
N THR A 36 9.26 3.11 1.84
CA THR A 36 10.47 2.87 2.61
C THR A 36 11.51 3.97 2.37
N GLY A 37 12.01 4.55 3.45
CA GLY A 37 13.00 5.60 3.34
C GLY A 37 14.38 5.07 2.98
N TYR A 38 15.18 5.90 2.33
CA TYR A 38 16.52 5.51 1.92
C TYR A 38 17.18 4.63 2.99
N ARG A 39 17.92 3.62 2.55
CA ARG A 39 18.60 2.71 3.46
C ARG A 39 20.02 2.43 2.99
N PRO A 40 20.93 2.22 3.96
CA PRO A 40 22.34 1.93 3.66
C PRO A 40 22.53 0.56 3.03
N SER A 41 21.44 -0.17 2.86
CA SER A 41 21.50 -1.50 2.27
C SER A 41 21.92 -1.44 0.81
N GLY A 42 23.23 -1.57 0.58
CA GLY A 42 23.75 -1.52 -0.77
C GLY A 42 24.64 -0.31 -1.01
N PRO A 43 25.67 -0.48 -1.86
CA PRO A 43 26.61 0.59 -2.18
C PRO A 43 25.97 1.69 -3.03
N SER A 44 25.95 2.90 -2.49
CA SER A 44 25.36 4.04 -3.20
C SER A 44 26.37 5.18 -3.32
N SER A 45 27.14 5.17 -4.41
CA SER A 45 28.15 6.19 -4.65
C SER A 45 28.72 6.08 -6.06
N GLY A 46 29.41 7.12 -6.50
CA GLY A 46 29.99 7.12 -7.83
C GLY A 46 29.03 7.60 -8.89
N GLY A 1 -25.29 8.60 5.74
CA GLY A 1 -24.30 7.68 6.26
C GLY A 1 -24.57 6.24 5.85
N SER A 2 -23.65 5.35 6.21
CA SER A 2 -23.79 3.93 5.87
C SER A 2 -22.84 3.08 6.71
N SER A 3 -23.37 1.97 7.23
CA SER A 3 -22.58 1.08 8.06
C SER A 3 -22.90 -0.38 7.75
N GLY A 4 -21.96 -1.27 8.02
CA GLY A 4 -22.17 -2.68 7.76
C GLY A 4 -21.44 -3.17 6.52
N SER A 5 -22.11 -4.00 5.74
CA SER A 5 -21.52 -4.54 4.52
C SER A 5 -22.05 -3.81 3.28
N SER A 6 -21.47 -2.64 3.00
CA SER A 6 -21.88 -1.84 1.86
C SER A 6 -21.05 -2.20 0.62
N GLY A 7 -19.74 -2.11 0.75
CA GLY A 7 -18.86 -2.43 -0.37
C GLY A 7 -18.30 -3.83 -0.28
N SER A 8 -18.93 -4.77 -0.97
CA SER A 8 -18.49 -6.16 -0.95
C SER A 8 -17.09 -6.28 -1.55
N GLY A 9 -16.88 -5.62 -2.68
CA GLY A 9 -15.58 -5.67 -3.35
C GLY A 9 -14.50 -4.98 -2.54
N GLU A 10 -13.63 -5.78 -1.92
CA GLU A 10 -12.54 -5.24 -1.12
C GLU A 10 -11.32 -6.16 -1.16
N LYS A 11 -10.15 -5.57 -1.33
CA LYS A 11 -8.92 -6.34 -1.39
C LYS A 11 -8.26 -6.43 -0.02
N PRO A 12 -7.65 -7.58 0.28
CA PRO A 12 -6.97 -7.81 1.55
C PRO A 12 -5.70 -6.98 1.70
N TYR A 13 -4.92 -6.90 0.62
CA TYR A 13 -3.68 -6.14 0.64
C TYR A 13 -3.90 -4.73 0.10
N LYS A 14 -4.26 -3.81 0.99
CA LYS A 14 -4.50 -2.42 0.61
C LYS A 14 -3.57 -1.48 1.37
N CYS A 15 -2.56 -0.96 0.67
CA CYS A 15 -1.60 -0.04 1.28
C CYS A 15 -2.33 1.10 1.99
N SER A 16 -2.50 0.98 3.30
CA SER A 16 -3.17 2.00 4.09
C SER A 16 -2.41 3.31 4.02
N GLU A 17 -1.09 3.23 3.89
CA GLU A 17 -0.25 4.42 3.82
C GLU A 17 -0.79 5.41 2.79
N CYS A 18 -0.87 4.96 1.54
CA CYS A 18 -1.37 5.81 0.46
C CYS A 18 -2.80 5.45 0.10
N GLY A 19 -3.09 4.15 0.06
CA GLY A 19 -4.43 3.70 -0.25
C GLY A 19 -4.47 2.84 -1.50
N LYS A 20 -3.35 2.20 -1.81
CA LYS A 20 -3.25 1.34 -2.98
C LYS A 20 -3.72 -0.07 -2.67
N ALA A 21 -3.92 -0.88 -3.72
CA ALA A 21 -4.37 -2.25 -3.55
C ALA A 21 -3.78 -3.16 -4.62
N PHE A 22 -3.49 -4.40 -4.25
CA PHE A 22 -2.91 -5.36 -5.18
C PHE A 22 -3.53 -6.75 -4.98
N HIS A 23 -3.37 -7.60 -5.98
CA HIS A 23 -3.91 -8.96 -5.92
C HIS A 23 -2.89 -9.93 -5.35
N ARG A 24 -1.64 -9.78 -5.77
CA ARG A 24 -0.56 -10.64 -5.31
C ARG A 24 0.28 -9.94 -4.24
N HIS A 25 0.26 -10.48 -3.03
CA HIS A 25 1.02 -9.92 -1.92
C HIS A 25 2.37 -9.39 -2.40
N THR A 26 3.09 -10.22 -3.15
CA THR A 26 4.40 -9.83 -3.66
C THR A 26 4.39 -8.40 -4.18
N HIS A 27 3.44 -8.10 -5.07
CA HIS A 27 3.31 -6.76 -5.63
C HIS A 27 3.30 -5.71 -4.53
N LEU A 28 2.39 -5.87 -3.58
CA LEU A 28 2.26 -4.93 -2.47
C LEU A 28 3.62 -4.66 -1.83
N ASN A 29 4.18 -5.69 -1.20
CA ASN A 29 5.47 -5.57 -0.53
C ASN A 29 6.42 -4.71 -1.37
N GLU A 30 6.63 -5.10 -2.62
CA GLU A 30 7.51 -4.37 -3.51
C GLU A 30 7.09 -2.90 -3.61
N HIS A 31 5.80 -2.68 -3.74
CA HIS A 31 5.26 -1.33 -3.84
C HIS A 31 5.63 -0.50 -2.61
N ARG A 32 5.39 -1.06 -1.43
CA ARG A 32 5.69 -0.38 -0.19
C ARG A 32 7.09 0.25 -0.23
N ARG A 33 7.92 -0.25 -1.13
CA ARG A 33 9.28 0.26 -1.27
C ARG A 33 9.28 1.78 -1.40
N ILE A 34 8.36 2.30 -2.21
CA ILE A 34 8.25 3.74 -2.42
C ILE A 34 7.99 4.47 -1.10
N HIS A 35 7.49 3.73 -0.11
CA HIS A 35 7.20 4.31 1.19
C HIS A 35 8.42 4.19 2.12
N THR A 36 9.32 3.29 1.78
CA THR A 36 10.53 3.08 2.58
C THR A 36 11.78 3.46 1.80
N GLY A 37 12.51 4.45 2.31
CA GLY A 37 13.72 4.88 1.65
C GLY A 37 13.90 6.40 1.71
N TYR A 38 13.69 6.96 2.89
CA TYR A 38 13.82 8.40 3.09
C TYR A 38 15.28 8.79 3.27
N ARG A 39 15.57 10.08 3.10
CA ARG A 39 16.93 10.58 3.25
C ARG A 39 17.41 10.44 4.69
N PRO A 40 18.69 10.07 4.86
CA PRO A 40 19.29 9.89 6.18
C PRO A 40 19.49 11.21 6.91
N SER A 41 19.84 11.13 8.20
CA SER A 41 20.05 12.32 9.00
C SER A 41 21.52 12.75 8.96
N GLY A 42 21.80 13.79 8.18
CA GLY A 42 23.15 14.28 8.06
C GLY A 42 23.74 14.06 6.68
N PRO A 43 24.47 12.95 6.52
CA PRO A 43 25.10 12.59 5.23
C PRO A 43 24.07 12.20 4.18
N SER A 44 23.74 13.13 3.29
CA SER A 44 22.78 12.87 2.23
C SER A 44 23.22 11.70 1.36
N SER A 45 22.29 11.17 0.59
CA SER A 45 22.58 10.04 -0.29
C SER A 45 22.42 10.43 -1.76
N GLY A 46 21.20 10.81 -2.13
CA GLY A 46 20.93 11.21 -3.50
C GLY A 46 19.58 11.87 -3.66
N GLY A 1 -19.58 13.79 15.02
CA GLY A 1 -18.78 12.62 14.71
C GLY A 1 -19.22 11.95 13.42
N SER A 2 -18.37 12.01 12.41
CA SER A 2 -18.68 11.40 11.11
C SER A 2 -17.49 10.61 10.57
N SER A 3 -17.75 9.39 10.13
CA SER A 3 -16.69 8.53 9.60
C SER A 3 -16.27 8.99 8.22
N GLY A 4 -14.97 8.91 7.94
CA GLY A 4 -14.46 9.32 6.65
C GLY A 4 -14.37 8.17 5.66
N SER A 5 -15.42 7.36 5.61
CA SER A 5 -15.46 6.21 4.72
C SER A 5 -14.99 6.61 3.32
N SER A 6 -14.35 5.66 2.63
CA SER A 6 -13.84 5.91 1.29
C SER A 6 -14.26 4.79 0.33
N GLY A 7 -14.14 3.55 0.79
CA GLY A 7 -14.51 2.41 -0.02
C GLY A 7 -13.32 1.54 -0.38
N SER A 8 -13.34 0.98 -1.59
CA SER A 8 -12.25 0.12 -2.05
C SER A 8 -11.82 -0.84 -0.94
N GLY A 9 -12.80 -1.39 -0.23
CA GLY A 9 -12.50 -2.32 0.84
C GLY A 9 -12.89 -3.75 0.49
N GLU A 10 -12.28 -4.29 -0.56
CA GLU A 10 -12.56 -5.64 -1.00
C GLU A 10 -11.29 -6.49 -1.03
N LYS A 11 -10.22 -5.91 -1.56
CA LYS A 11 -8.94 -6.60 -1.66
C LYS A 11 -8.32 -6.78 -0.28
N PRO A 12 -7.69 -7.96 -0.06
CA PRO A 12 -7.05 -8.27 1.21
C PRO A 12 -5.79 -7.45 1.44
N TYR A 13 -5.04 -7.20 0.38
CA TYR A 13 -3.80 -6.42 0.45
C TYR A 13 -4.03 -4.99 0.00
N LYS A 14 -4.22 -4.09 0.97
CA LYS A 14 -4.44 -2.69 0.66
C LYS A 14 -3.44 -1.80 1.38
N CYS A 15 -2.75 -0.94 0.63
CA CYS A 15 -1.76 -0.04 1.20
C CYS A 15 -2.43 1.14 1.89
N SER A 16 -2.35 1.18 3.22
CA SER A 16 -2.95 2.25 3.99
C SER A 16 -2.13 3.54 3.88
N GLU A 17 -0.82 3.38 3.72
CA GLU A 17 0.08 4.52 3.60
C GLU A 17 -0.44 5.51 2.56
N CYS A 18 -0.59 5.03 1.32
CA CYS A 18 -1.07 5.88 0.24
C CYS A 18 -2.55 5.59 -0.05
N GLY A 19 -2.93 4.33 0.05
CA GLY A 19 -4.31 3.95 -0.20
C GLY A 19 -4.48 3.19 -1.50
N LYS A 20 -3.65 2.17 -1.69
CA LYS A 20 -3.71 1.35 -2.90
C LYS A 20 -4.11 -0.08 -2.58
N ALA A 21 -4.22 -0.90 -3.61
CA ALA A 21 -4.60 -2.30 -3.43
C ALA A 21 -3.98 -3.17 -4.52
N PHE A 22 -3.59 -4.39 -4.14
CA PHE A 22 -2.99 -5.32 -5.08
C PHE A 22 -3.61 -6.71 -4.95
N HIS A 23 -3.36 -7.56 -5.95
CA HIS A 23 -3.91 -8.91 -5.95
C HIS A 23 -2.91 -9.89 -5.33
N ARG A 24 -1.63 -9.67 -5.59
CA ARG A 24 -0.58 -10.52 -5.07
C ARG A 24 0.27 -9.79 -4.03
N HIS A 25 0.56 -10.46 -2.92
CA HIS A 25 1.36 -9.87 -1.86
C HIS A 25 2.73 -9.46 -2.36
N THR A 26 3.20 -10.15 -3.41
CA THR A 26 4.51 -9.86 -3.99
C THR A 26 4.55 -8.45 -4.56
N HIS A 27 3.38 -7.95 -4.98
CA HIS A 27 3.29 -6.61 -5.55
C HIS A 27 3.25 -5.56 -4.46
N LEU A 28 2.41 -5.78 -3.45
CA LEU A 28 2.27 -4.84 -2.34
C LEU A 28 3.60 -4.68 -1.60
N ASN A 29 4.22 -5.80 -1.26
CA ASN A 29 5.50 -5.79 -0.56
C ASN A 29 6.53 -4.95 -1.31
N GLU A 30 6.58 -5.14 -2.64
CA GLU A 30 7.52 -4.41 -3.48
C GLU A 30 7.07 -2.96 -3.65
N HIS A 31 5.77 -2.73 -3.59
CA HIS A 31 5.22 -1.39 -3.74
C HIS A 31 5.60 -0.51 -2.55
N ARG A 32 5.30 -0.99 -1.34
CA ARG A 32 5.61 -0.24 -0.13
C ARG A 32 7.03 0.29 -0.16
N ARG A 33 7.87 -0.31 -1.01
CA ARG A 33 9.26 0.10 -1.14
C ARG A 33 9.36 1.60 -1.40
N ILE A 34 8.39 2.13 -2.15
CA ILE A 34 8.36 3.55 -2.48
C ILE A 34 8.17 4.40 -1.22
N HIS A 35 7.56 3.80 -0.20
CA HIS A 35 7.30 4.51 1.06
C HIS A 35 8.56 4.51 1.92
N THR A 36 9.53 3.67 1.58
CA THR A 36 10.77 3.58 2.33
C THR A 36 11.98 3.86 1.43
N GLY A 37 12.92 4.65 1.94
CA GLY A 37 14.11 4.98 1.17
C GLY A 37 15.38 4.49 1.84
N TYR A 38 16.25 5.43 2.20
CA TYR A 38 17.51 5.09 2.84
C TYR A 38 17.40 5.22 4.36
N ARG A 39 18.48 4.89 5.05
CA ARG A 39 18.51 4.97 6.51
C ARG A 39 18.90 6.37 6.98
N PRO A 40 18.31 6.81 8.10
CA PRO A 40 18.58 8.14 8.67
C PRO A 40 19.99 8.23 9.25
N SER A 41 20.53 9.44 9.28
CA SER A 41 21.88 9.68 9.80
C SER A 41 21.81 10.44 11.12
N GLY A 42 22.13 9.75 12.21
CA GLY A 42 22.11 10.38 13.51
C GLY A 42 21.77 9.40 14.63
N PRO A 43 21.39 9.94 15.80
CA PRO A 43 21.03 9.13 16.96
C PRO A 43 19.72 8.39 16.77
N SER A 44 19.35 7.57 17.75
CA SER A 44 18.11 6.80 17.68
C SER A 44 16.90 7.70 17.88
N SER A 45 16.94 8.51 18.95
CA SER A 45 15.85 9.42 19.25
C SER A 45 15.62 10.41 18.10
N GLY A 46 14.80 10.00 17.14
CA GLY A 46 14.52 10.86 16.01
C GLY A 46 14.23 10.07 14.74
N GLY A 1 -34.29 -10.74 8.23
CA GLY A 1 -32.85 -10.84 8.22
C GLY A 1 -32.20 -9.77 7.37
N SER A 2 -31.05 -10.08 6.80
CA SER A 2 -30.31 -9.14 5.96
C SER A 2 -29.35 -9.88 5.03
N SER A 3 -29.48 -9.63 3.73
CA SER A 3 -28.63 -10.27 2.74
C SER A 3 -27.75 -9.23 2.04
N GLY A 4 -26.51 -9.61 1.76
CA GLY A 4 -25.59 -8.71 1.10
C GLY A 4 -25.12 -9.24 -0.25
N SER A 5 -24.33 -8.44 -0.96
CA SER A 5 -23.82 -8.83 -2.26
C SER A 5 -22.41 -9.36 -2.16
N SER A 6 -22.16 -10.53 -2.75
CA SER A 6 -20.85 -11.15 -2.71
C SER A 6 -19.79 -10.22 -3.31
N GLY A 7 -20.08 -9.70 -4.50
CA GLY A 7 -19.14 -8.81 -5.15
C GLY A 7 -17.71 -9.30 -5.08
N SER A 8 -17.39 -10.30 -5.91
CA SER A 8 -16.04 -10.86 -5.93
C SER A 8 -15.03 -9.86 -6.49
N GLY A 9 -14.56 -8.95 -5.64
CA GLY A 9 -13.60 -7.96 -6.07
C GLY A 9 -12.70 -7.50 -4.94
N GLU A 10 -13.29 -7.24 -3.78
CA GLU A 10 -12.53 -6.79 -2.62
C GLU A 10 -11.15 -7.44 -2.59
N LYS A 11 -10.13 -6.63 -2.34
CA LYS A 11 -8.76 -7.12 -2.27
C LYS A 11 -8.35 -7.46 -0.84
N PRO A 12 -7.54 -8.51 -0.69
CA PRO A 12 -7.07 -8.96 0.62
C PRO A 12 -6.08 -7.99 1.25
N TYR A 13 -5.20 -7.43 0.42
CA TYR A 13 -4.19 -6.49 0.89
C TYR A 13 -4.47 -5.09 0.33
N LYS A 14 -4.17 -4.08 1.15
CA LYS A 14 -4.37 -2.69 0.74
C LYS A 14 -3.43 -1.76 1.49
N CYS A 15 -2.43 -1.24 0.79
CA CYS A 15 -1.46 -0.33 1.38
C CYS A 15 -2.16 0.83 2.08
N SER A 16 -1.85 1.03 3.36
CA SER A 16 -2.46 2.11 4.13
C SER A 16 -1.67 3.40 3.96
N GLU A 17 -0.38 3.28 3.69
CA GLU A 17 0.49 4.43 3.50
C GLU A 17 -0.11 5.39 2.47
N CYS A 18 -0.46 4.85 1.30
CA CYS A 18 -1.03 5.66 0.24
C CYS A 18 -2.52 5.34 0.06
N GLY A 19 -2.86 4.06 0.15
CA GLY A 19 -4.24 3.64 -0.01
C GLY A 19 -4.48 2.91 -1.31
N LYS A 20 -3.53 2.07 -1.70
CA LYS A 20 -3.63 1.30 -2.94
C LYS A 20 -3.92 -0.16 -2.64
N ALA A 21 -4.36 -0.90 -3.66
CA ALA A 21 -4.66 -2.31 -3.51
C ALA A 21 -3.98 -3.14 -4.60
N PHE A 22 -3.50 -4.32 -4.23
CA PHE A 22 -2.83 -5.21 -5.18
C PHE A 22 -3.44 -6.60 -5.14
N HIS A 23 -3.39 -7.29 -6.28
CA HIS A 23 -3.94 -8.64 -6.38
C HIS A 23 -3.18 -9.60 -5.48
N ARG A 24 -1.86 -9.56 -5.55
CA ARG A 24 -1.02 -10.44 -4.73
C ARG A 24 -0.19 -9.62 -3.74
N HIS A 25 0.12 -10.23 -2.60
CA HIS A 25 0.91 -9.56 -1.58
C HIS A 25 2.28 -9.16 -2.13
N THR A 26 2.90 -10.05 -2.89
CA THR A 26 4.21 -9.80 -3.46
C THR A 26 4.28 -8.39 -4.05
N HIS A 27 3.29 -8.03 -4.84
CA HIS A 27 3.24 -6.71 -5.46
C HIS A 27 3.22 -5.62 -4.40
N LEU A 28 2.38 -5.78 -3.40
CA LEU A 28 2.27 -4.80 -2.32
C LEU A 28 3.62 -4.55 -1.67
N ASN A 29 4.27 -5.62 -1.23
CA ASN A 29 5.58 -5.53 -0.59
C ASN A 29 6.56 -4.75 -1.47
N GLU A 30 6.76 -5.24 -2.69
CA GLU A 30 7.67 -4.59 -3.63
C GLU A 30 7.29 -3.13 -3.82
N HIS A 31 6.04 -2.81 -3.54
CA HIS A 31 5.55 -1.44 -3.69
C HIS A 31 5.90 -0.60 -2.47
N ARG A 32 5.59 -1.13 -1.28
CA ARG A 32 5.86 -0.43 -0.03
C ARG A 32 7.15 0.37 -0.13
N ARG A 33 8.10 -0.15 -0.90
CA ARG A 33 9.38 0.52 -1.09
C ARG A 33 9.19 2.01 -1.38
N ILE A 34 8.33 2.30 -2.35
CA ILE A 34 8.06 3.67 -2.73
C ILE A 34 7.94 4.58 -1.51
N HIS A 35 7.58 3.98 -0.37
CA HIS A 35 7.43 4.72 0.87
C HIS A 35 8.76 4.79 1.63
N THR A 36 9.55 3.72 1.52
CA THR A 36 10.83 3.67 2.19
C THR A 36 11.95 4.18 1.29
N GLY A 37 12.15 5.50 1.29
CA GLY A 37 13.18 6.10 0.46
C GLY A 37 14.53 5.43 0.66
N TYR A 38 15.40 5.57 -0.34
CA TYR A 38 16.73 4.97 -0.28
C TYR A 38 17.57 5.63 0.81
N ARG A 39 18.47 4.86 1.41
CA ARG A 39 19.35 5.36 2.46
C ARG A 39 20.79 5.45 1.97
N PRO A 40 21.51 6.49 2.43
CA PRO A 40 22.91 6.71 2.06
C PRO A 40 23.84 5.67 2.67
N SER A 41 25.12 5.74 2.30
CA SER A 41 26.11 4.80 2.81
C SER A 41 26.48 5.13 4.25
N GLY A 42 26.66 6.41 4.54
CA GLY A 42 27.02 6.84 5.87
C GLY A 42 26.99 8.35 6.03
N PRO A 43 28.02 9.02 5.50
CA PRO A 43 28.14 10.48 5.58
C PRO A 43 27.10 11.18 4.71
N SER A 44 25.98 11.56 5.32
CA SER A 44 24.91 12.25 4.61
C SER A 44 24.61 13.60 5.25
N SER A 45 24.97 14.68 4.56
CA SER A 45 24.73 16.03 5.05
C SER A 45 23.35 16.13 5.69
N GLY A 46 22.32 15.91 4.89
CA GLY A 46 20.96 15.98 5.39
C GLY A 46 20.72 17.24 6.21
N GLY A 1 -29.49 -8.57 -11.35
CA GLY A 1 -29.94 -7.36 -10.69
C GLY A 1 -29.69 -7.38 -9.20
N SER A 2 -28.75 -6.54 -8.75
CA SER A 2 -28.40 -6.47 -7.33
C SER A 2 -28.37 -5.03 -6.85
N SER A 3 -28.86 -4.80 -5.64
CA SER A 3 -28.89 -3.46 -5.05
C SER A 3 -27.52 -2.79 -5.18
N GLY A 4 -27.53 -1.51 -5.55
CA GLY A 4 -26.29 -0.77 -5.70
C GLY A 4 -25.55 -1.12 -6.97
N SER A 5 -24.28 -0.73 -7.04
CA SER A 5 -23.47 -1.01 -8.22
C SER A 5 -22.28 -1.89 -7.87
N SER A 6 -22.20 -3.05 -8.51
CA SER A 6 -21.11 -3.99 -8.26
C SER A 6 -19.93 -3.69 -9.16
N GLY A 7 -18.76 -3.50 -8.54
CA GLY A 7 -17.55 -3.21 -9.31
C GLY A 7 -16.45 -2.62 -8.45
N SER A 8 -16.07 -3.35 -7.40
CA SER A 8 -15.02 -2.88 -6.49
C SER A 8 -13.86 -3.87 -6.46
N GLY A 9 -14.15 -5.10 -6.07
CA GLY A 9 -13.11 -6.12 -6.00
C GLY A 9 -12.25 -6.00 -4.76
N GLU A 10 -12.85 -6.27 -3.61
CA GLU A 10 -12.14 -6.20 -2.33
C GLU A 10 -10.99 -7.19 -2.29
N LYS A 11 -9.79 -6.70 -2.00
CA LYS A 11 -8.61 -7.54 -1.93
C LYS A 11 -8.05 -7.57 -0.50
N PRO A 12 -7.38 -8.69 -0.16
CA PRO A 12 -6.78 -8.86 1.17
C PRO A 12 -5.58 -7.95 1.39
N TYR A 13 -5.02 -7.43 0.30
CA TYR A 13 -3.88 -6.55 0.38
C TYR A 13 -4.25 -5.12 -0.01
N LYS A 14 -3.86 -4.17 0.83
CA LYS A 14 -4.17 -2.76 0.57
C LYS A 14 -3.21 -1.85 1.34
N CYS A 15 -2.38 -1.12 0.61
CA CYS A 15 -1.42 -0.21 1.23
C CYS A 15 -2.14 0.97 1.89
N SER A 16 -1.96 1.10 3.20
CA SER A 16 -2.58 2.18 3.96
C SER A 16 -1.82 3.49 3.77
N GLU A 17 -0.49 3.37 3.61
CA GLU A 17 0.35 4.54 3.43
C GLU A 17 -0.25 5.50 2.40
N CYS A 18 -0.49 5.00 1.20
CA CYS A 18 -1.06 5.81 0.13
C CYS A 18 -2.53 5.46 -0.10
N GLY A 19 -2.84 4.16 -0.01
CA GLY A 19 -4.21 3.72 -0.21
C GLY A 19 -4.38 2.93 -1.50
N LYS A 20 -3.38 2.13 -1.83
CA LYS A 20 -3.41 1.31 -3.04
C LYS A 20 -3.78 -0.13 -2.72
N ALA A 21 -4.14 -0.89 -3.74
CA ALA A 21 -4.52 -2.29 -3.57
C ALA A 21 -3.84 -3.17 -4.60
N PHE A 22 -3.42 -4.37 -4.18
CA PHE A 22 -2.76 -5.31 -5.08
C PHE A 22 -3.37 -6.70 -4.95
N HIS A 23 -3.57 -7.36 -6.09
CA HIS A 23 -4.15 -8.70 -6.11
C HIS A 23 -3.21 -9.70 -5.44
N ARG A 24 -1.91 -9.46 -5.55
CA ARG A 24 -0.92 -10.34 -4.95
C ARG A 24 -0.11 -9.60 -3.89
N HIS A 25 0.39 -10.35 -2.91
CA HIS A 25 1.18 -9.78 -1.84
C HIS A 25 2.50 -9.22 -2.36
N THR A 26 3.17 -10.01 -3.20
CA THR A 26 4.45 -9.59 -3.77
C THR A 26 4.40 -8.14 -4.25
N HIS A 27 3.33 -7.79 -4.96
CA HIS A 27 3.15 -6.45 -5.48
C HIS A 27 3.05 -5.44 -4.34
N LEU A 28 2.26 -5.76 -3.33
CA LEU A 28 2.08 -4.89 -2.18
C LEU A 28 3.41 -4.63 -1.47
N ASN A 29 4.07 -5.69 -1.05
CA ASN A 29 5.35 -5.58 -0.36
C ASN A 29 6.34 -4.77 -1.20
N GLU A 30 6.51 -5.16 -2.45
CA GLU A 30 7.42 -4.47 -3.36
C GLU A 30 7.05 -3.00 -3.48
N HIS A 31 5.77 -2.73 -3.69
CA HIS A 31 5.27 -1.36 -3.81
C HIS A 31 5.66 -0.53 -2.60
N ARG A 32 5.37 -1.04 -1.41
CA ARG A 32 5.69 -0.34 -0.17
C ARG A 32 7.07 0.29 -0.24
N ARG A 33 7.93 -0.27 -1.10
CA ARG A 33 9.29 0.24 -1.26
C ARG A 33 9.28 1.75 -1.41
N ILE A 34 8.44 2.26 -2.31
CA ILE A 34 8.35 3.69 -2.55
C ILE A 34 8.12 4.45 -1.25
N HIS A 35 7.53 3.78 -0.26
CA HIS A 35 7.26 4.39 1.03
C HIS A 35 8.44 4.20 1.98
N THR A 36 9.30 3.24 1.65
CA THR A 36 10.47 2.96 2.48
C THR A 36 11.74 2.92 1.64
N GLY A 37 12.40 4.07 1.52
CA GLY A 37 13.62 4.14 0.74
C GLY A 37 14.33 5.48 0.89
N TYR A 38 14.04 6.40 -0.01
CA TYR A 38 14.65 7.72 0.03
C TYR A 38 13.59 8.82 -0.04
N ARG A 39 13.97 10.03 0.35
CA ARG A 39 13.06 11.16 0.33
C ARG A 39 13.44 12.14 -0.77
N PRO A 40 13.04 11.83 -2.01
CA PRO A 40 13.33 12.66 -3.18
C PRO A 40 12.53 13.97 -3.15
N SER A 41 11.32 13.91 -2.62
CA SER A 41 10.46 15.08 -2.55
C SER A 41 9.41 14.92 -1.45
N GLY A 42 9.39 15.87 -0.51
CA GLY A 42 8.43 15.81 0.58
C GLY A 42 7.01 15.60 0.09
N PRO A 43 6.06 15.55 1.04
CA PRO A 43 4.64 15.35 0.73
C PRO A 43 4.03 16.57 0.05
N SER A 44 3.54 16.38 -1.18
CA SER A 44 2.93 17.46 -1.94
C SER A 44 1.50 17.09 -2.35
N SER A 45 1.34 15.91 -2.93
CA SER A 45 0.03 15.45 -3.36
C SER A 45 -0.84 15.06 -2.17
N GLY A 46 -1.55 16.03 -1.62
CA GLY A 46 -2.41 15.77 -0.48
C GLY A 46 -1.62 15.60 0.81
N GLY A 1 -25.07 8.96 13.46
CA GLY A 1 -25.50 8.82 12.09
C GLY A 1 -25.30 7.41 11.56
N SER A 2 -25.59 7.21 10.28
CA SER A 2 -25.45 5.90 9.66
C SER A 2 -25.12 6.03 8.17
N SER A 3 -24.26 5.15 7.68
CA SER A 3 -23.86 5.17 6.27
C SER A 3 -23.59 3.76 5.76
N GLY A 4 -23.72 3.57 4.45
CA GLY A 4 -23.48 2.27 3.86
C GLY A 4 -22.06 2.11 3.36
N SER A 5 -21.61 0.86 3.24
CA SER A 5 -20.26 0.58 2.78
C SER A 5 -20.28 -0.24 1.49
N SER A 6 -20.01 0.42 0.37
CA SER A 6 -20.01 -0.23 -0.93
C SER A 6 -19.00 -1.38 -0.96
N GLY A 7 -17.78 -1.11 -0.50
CA GLY A 7 -16.75 -2.12 -0.48
C GLY A 7 -15.43 -1.59 0.03
N SER A 8 -14.91 -2.22 1.09
CA SER A 8 -13.65 -1.80 1.68
C SER A 8 -12.49 -2.63 1.13
N GLY A 9 -11.60 -1.98 0.39
CA GLY A 9 -10.46 -2.67 -0.19
C GLY A 9 -10.82 -4.05 -0.70
N GLU A 10 -11.43 -4.09 -1.88
CA GLU A 10 -11.84 -5.36 -2.48
C GLU A 10 -10.83 -6.46 -2.15
N LYS A 11 -9.55 -6.17 -2.39
CA LYS A 11 -8.48 -7.13 -2.12
C LYS A 11 -8.02 -7.04 -0.68
N PRO A 12 -7.57 -8.18 -0.12
CA PRO A 12 -7.09 -8.25 1.26
C PRO A 12 -5.76 -7.53 1.45
N TYR A 13 -5.20 -7.05 0.35
CA TYR A 13 -3.92 -6.34 0.39
C TYR A 13 -4.10 -4.87 0.01
N LYS A 14 -4.07 -4.00 1.02
CA LYS A 14 -4.22 -2.57 0.79
C LYS A 14 -3.12 -1.79 1.49
N CYS A 15 -2.24 -1.17 0.70
CA CYS A 15 -1.14 -0.39 1.25
C CYS A 15 -1.65 0.64 2.25
N SER A 16 -1.18 0.53 3.49
CA SER A 16 -1.59 1.44 4.54
C SER A 16 -0.69 2.68 4.58
N GLU A 17 -0.27 3.12 3.41
CA GLU A 17 0.59 4.30 3.30
C GLU A 17 0.01 5.33 2.35
N CYS A 18 -0.44 4.87 1.18
CA CYS A 18 -1.03 5.76 0.19
C CYS A 18 -2.53 5.48 0.02
N GLY A 19 -2.87 4.21 -0.14
CA GLY A 19 -4.25 3.83 -0.31
C GLY A 19 -4.49 3.02 -1.57
N LYS A 20 -3.56 2.13 -1.88
CA LYS A 20 -3.66 1.29 -3.07
C LYS A 20 -3.90 -0.17 -2.69
N ALA A 21 -4.52 -0.92 -3.59
CA ALA A 21 -4.81 -2.33 -3.35
C ALA A 21 -4.26 -3.20 -4.47
N PHE A 22 -3.70 -4.34 -4.11
CA PHE A 22 -3.14 -5.27 -5.09
C PHE A 22 -3.69 -6.68 -4.88
N HIS A 23 -3.55 -7.52 -5.91
CA HIS A 23 -4.03 -8.89 -5.85
C HIS A 23 -2.97 -9.81 -5.28
N ARG A 24 -1.72 -9.63 -5.72
CA ARG A 24 -0.62 -10.45 -5.26
C ARG A 24 0.23 -9.70 -4.23
N HIS A 25 0.36 -10.27 -3.05
CA HIS A 25 1.14 -9.65 -1.99
C HIS A 25 2.50 -9.18 -2.50
N THR A 26 3.21 -10.09 -3.17
CA THR A 26 4.52 -9.76 -3.72
C THR A 26 4.56 -8.34 -4.25
N HIS A 27 3.52 -7.96 -4.98
CA HIS A 27 3.43 -6.62 -5.56
C HIS A 27 3.31 -5.57 -4.46
N LEU A 28 2.30 -5.72 -3.60
CA LEU A 28 2.08 -4.79 -2.51
C LEU A 28 3.37 -4.52 -1.75
N ASN A 29 4.01 -5.59 -1.30
CA ASN A 29 5.26 -5.47 -0.55
C ASN A 29 6.31 -4.73 -1.38
N GLU A 30 6.62 -5.27 -2.54
CA GLU A 30 7.62 -4.66 -3.42
C GLU A 30 7.27 -3.22 -3.73
N HIS A 31 6.01 -2.84 -3.45
CA HIS A 31 5.55 -1.48 -3.70
C HIS A 31 5.79 -0.60 -2.47
N ARG A 32 5.34 -1.07 -1.32
CA ARG A 32 5.50 -0.31 -0.08
C ARG A 32 6.88 0.36 -0.03
N ARG A 33 7.84 -0.23 -0.74
CA ARG A 33 9.19 0.31 -0.77
C ARG A 33 9.18 1.80 -1.13
N ILE A 34 8.41 2.15 -2.15
CA ILE A 34 8.30 3.53 -2.59
C ILE A 34 8.08 4.47 -1.42
N HIS A 35 7.58 3.92 -0.32
CA HIS A 35 7.32 4.72 0.88
C HIS A 35 8.48 4.60 1.86
N THR A 36 9.24 3.52 1.76
CA THR A 36 10.37 3.29 2.64
C THR A 36 11.67 3.15 1.84
N GLY A 37 12.57 4.11 2.01
CA GLY A 37 13.83 4.08 1.29
C GLY A 37 14.98 3.63 2.17
N TYR A 38 14.99 2.34 2.52
CA TYR A 38 16.03 1.79 3.37
C TYR A 38 17.39 2.39 3.03
N ARG A 39 18.08 2.90 4.05
CA ARG A 39 19.39 3.52 3.86
C ARG A 39 20.50 2.48 4.00
N PRO A 40 21.56 2.63 3.18
CA PRO A 40 22.69 1.71 3.18
C PRO A 40 23.53 1.84 4.45
N SER A 41 23.30 2.92 5.20
CA SER A 41 24.04 3.17 6.43
C SER A 41 23.49 2.34 7.57
N GLY A 42 24.24 2.28 8.68
CA GLY A 42 23.81 1.51 9.83
C GLY A 42 24.73 1.67 11.01
N PRO A 43 24.16 1.64 12.22
CA PRO A 43 24.94 1.78 13.47
C PRO A 43 25.81 0.56 13.74
N SER A 44 25.57 -0.52 13.01
CA SER A 44 26.33 -1.75 13.17
C SER A 44 27.69 -1.65 12.48
N SER A 45 28.70 -1.22 13.24
CA SER A 45 30.05 -1.07 12.69
C SER A 45 31.04 -0.70 13.79
N GLY A 46 32.31 -1.00 13.56
CA GLY A 46 33.34 -0.69 14.54
C GLY A 46 34.73 -1.06 14.06
N GLY A 1 -22.31 11.81 10.75
CA GLY A 1 -21.81 10.55 10.26
C GLY A 1 -22.91 9.60 9.83
N SER A 2 -23.24 8.64 10.70
CA SER A 2 -24.28 7.67 10.42
C SER A 2 -24.23 7.24 8.95
N SER A 3 -23.02 7.01 8.45
CA SER A 3 -22.82 6.60 7.06
C SER A 3 -21.99 5.33 6.99
N GLY A 4 -20.75 5.42 7.47
CA GLY A 4 -19.86 4.27 7.45
C GLY A 4 -18.86 4.34 6.32
N SER A 5 -18.24 3.20 6.01
CA SER A 5 -17.25 3.14 4.94
C SER A 5 -17.65 2.09 3.90
N SER A 6 -17.49 2.44 2.63
CA SER A 6 -17.83 1.54 1.53
C SER A 6 -16.70 0.55 1.27
N GLY A 7 -16.98 -0.47 0.46
CA GLY A 7 -15.98 -1.47 0.15
C GLY A 7 -16.05 -1.93 -1.30
N SER A 8 -14.96 -2.52 -1.78
CA SER A 8 -14.91 -3.00 -3.16
C SER A 8 -15.34 -4.45 -3.24
N GLY A 9 -14.74 -5.30 -2.41
CA GLY A 9 -15.07 -6.71 -2.41
C GLY A 9 -13.93 -7.58 -1.91
N GLU A 10 -13.11 -8.07 -2.84
CA GLU A 10 -11.98 -8.92 -2.49
C GLU A 10 -10.68 -8.11 -2.46
N LYS A 11 -10.43 -7.46 -1.33
CA LYS A 11 -9.23 -6.66 -1.16
C LYS A 11 -8.49 -7.04 0.11
N PRO A 12 -7.86 -8.22 0.09
CA PRO A 12 -7.09 -8.74 1.24
C PRO A 12 -5.81 -7.94 1.48
N TYR A 13 -5.21 -7.46 0.40
CA TYR A 13 -3.98 -6.69 0.50
C TYR A 13 -4.21 -5.23 0.10
N LYS A 14 -4.02 -4.33 1.06
CA LYS A 14 -4.22 -2.91 0.81
C LYS A 14 -3.14 -2.08 1.52
N CYS A 15 -2.57 -1.12 0.80
CA CYS A 15 -1.54 -0.27 1.36
C CYS A 15 -2.14 0.77 2.31
N SER A 16 -1.75 0.70 3.57
CA SER A 16 -2.26 1.64 4.58
C SER A 16 -1.34 2.84 4.71
N GLU A 17 -0.83 3.33 3.58
CA GLU A 17 0.06 4.47 3.57
C GLU A 17 -0.40 5.52 2.56
N CYS A 18 -0.89 5.05 1.42
CA CYS A 18 -1.36 5.93 0.36
C CYS A 18 -2.80 5.59 -0.04
N GLY A 19 -3.07 4.30 -0.20
CA GLY A 19 -4.39 3.86 -0.58
C GLY A 19 -4.40 3.04 -1.85
N LYS A 20 -3.37 2.21 -2.02
CA LYS A 20 -3.25 1.37 -3.20
C LYS A 20 -3.26 -0.11 -2.82
N ALA A 21 -4.17 -0.86 -3.42
CA ALA A 21 -4.27 -2.29 -3.14
C ALA A 21 -3.66 -3.12 -4.27
N PHE A 22 -3.33 -4.37 -3.97
CA PHE A 22 -2.73 -5.26 -4.96
C PHE A 22 -3.30 -6.67 -4.83
N HIS A 23 -3.72 -7.24 -5.96
CA HIS A 23 -4.29 -8.58 -5.98
C HIS A 23 -3.31 -9.59 -5.38
N ARG A 24 -2.02 -9.35 -5.59
CA ARG A 24 -0.99 -10.24 -5.08
C ARG A 24 -0.14 -9.54 -4.02
N HIS A 25 0.45 -10.32 -3.13
CA HIS A 25 1.29 -9.77 -2.06
C HIS A 25 2.65 -9.33 -2.61
N THR A 26 3.27 -10.20 -3.39
CA THR A 26 4.57 -9.90 -3.98
C THR A 26 4.62 -8.49 -4.54
N HIS A 27 3.47 -8.01 -5.01
CA HIS A 27 3.38 -6.66 -5.57
C HIS A 27 3.34 -5.61 -4.47
N LEU A 28 2.47 -5.84 -3.47
CA LEU A 28 2.34 -4.92 -2.36
C LEU A 28 3.64 -4.77 -1.61
N ASN A 29 4.23 -5.90 -1.21
CA ASN A 29 5.50 -5.89 -0.48
C ASN A 29 6.55 -5.07 -1.21
N GLU A 30 6.56 -5.19 -2.54
CA GLU A 30 7.52 -4.46 -3.37
C GLU A 30 7.08 -3.01 -3.54
N HIS A 31 5.78 -2.76 -3.40
CA HIS A 31 5.25 -1.41 -3.53
C HIS A 31 5.67 -0.53 -2.37
N ARG A 32 5.34 -0.96 -1.15
CA ARG A 32 5.68 -0.21 0.05
C ARG A 32 7.07 0.41 -0.08
N ARG A 33 7.93 -0.23 -0.87
CA ARG A 33 9.29 0.25 -1.07
C ARG A 33 9.30 1.74 -1.39
N ILE A 34 8.44 2.15 -2.30
CA ILE A 34 8.34 3.55 -2.69
C ILE A 34 8.01 4.43 -1.49
N HIS A 35 7.40 3.83 -0.47
CA HIS A 35 7.04 4.56 0.74
C HIS A 35 8.19 4.57 1.74
N THR A 36 9.14 3.66 1.54
CA THR A 36 10.28 3.55 2.43
C THR A 36 11.59 3.80 1.69
N GLY A 37 11.73 5.02 1.15
CA GLY A 37 12.93 5.36 0.42
C GLY A 37 13.73 6.46 1.09
N TYR A 38 13.02 7.43 1.66
CA TYR A 38 13.67 8.55 2.34
C TYR A 38 13.60 8.39 3.85
N ARG A 39 14.74 8.54 4.51
CA ARG A 39 14.81 8.42 5.97
C ARG A 39 15.11 9.76 6.62
N PRO A 40 14.61 9.94 7.85
CA PRO A 40 14.80 11.18 8.61
C PRO A 40 16.25 11.36 9.06
N SER A 41 16.48 12.34 9.93
CA SER A 41 17.81 12.62 10.44
C SER A 41 17.83 12.59 11.96
N GLY A 42 17.13 11.61 12.54
CA GLY A 42 17.08 11.48 13.98
C GLY A 42 15.66 11.45 14.51
N PRO A 43 15.13 12.65 14.84
CA PRO A 43 13.77 12.78 15.38
C PRO A 43 12.71 12.50 14.32
N SER A 44 11.82 11.56 14.62
CA SER A 44 10.75 11.18 13.70
C SER A 44 10.10 12.42 13.10
N SER A 45 9.55 13.28 13.95
CA SER A 45 8.89 14.49 13.50
C SER A 45 9.85 15.35 12.69
N GLY A 46 9.48 15.61 11.44
CA GLY A 46 10.30 16.42 10.56
C GLY A 46 10.35 15.89 9.15
N GLY A 1 -17.71 1.00 4.32
CA GLY A 1 -18.07 0.60 2.97
C GLY A 1 -19.44 -0.03 2.90
N SER A 2 -20.47 0.80 2.93
CA SER A 2 -21.85 0.31 2.87
C SER A 2 -22.28 0.05 1.43
N SER A 3 -21.44 -0.67 0.69
CA SER A 3 -21.73 -0.98 -0.70
C SER A 3 -21.96 -2.48 -0.88
N GLY A 4 -21.06 -3.29 -0.30
CA GLY A 4 -21.19 -4.73 -0.41
C GLY A 4 -20.75 -5.25 -1.77
N SER A 5 -19.53 -4.87 -2.18
CA SER A 5 -19.01 -5.31 -3.46
C SER A 5 -17.60 -5.86 -3.31
N SER A 6 -17.40 -6.72 -2.31
CA SER A 6 -16.10 -7.32 -2.06
C SER A 6 -15.35 -7.57 -3.36
N GLY A 7 -14.44 -6.66 -3.69
CA GLY A 7 -13.66 -6.80 -4.91
C GLY A 7 -12.40 -5.95 -4.90
N SER A 8 -12.38 -4.94 -5.76
CA SER A 8 -11.22 -4.05 -5.85
C SER A 8 -10.97 -3.35 -4.52
N GLY A 9 -9.71 -3.37 -4.07
CA GLY A 9 -9.36 -2.73 -2.82
C GLY A 9 -9.61 -3.63 -1.62
N GLU A 10 -10.78 -4.25 -1.60
CA GLU A 10 -11.14 -5.15 -0.50
C GLU A 10 -9.99 -6.08 -0.15
N LYS A 11 -9.22 -6.46 -1.16
CA LYS A 11 -8.09 -7.35 -0.97
C LYS A 11 -7.33 -7.01 0.30
N PRO A 12 -6.85 -8.05 1.01
CA PRO A 12 -6.11 -7.87 2.26
C PRO A 12 -4.73 -7.26 2.03
N TYR A 13 -4.40 -7.00 0.77
CA TYR A 13 -3.12 -6.41 0.42
C TYR A 13 -3.27 -4.93 0.07
N LYS A 14 -4.15 -4.25 0.80
CA LYS A 14 -4.40 -2.84 0.57
C LYS A 14 -3.35 -1.99 1.29
N CYS A 15 -2.69 -1.11 0.55
CA CYS A 15 -1.66 -0.24 1.11
C CYS A 15 -2.30 0.85 1.98
N SER A 16 -2.11 0.72 3.29
CA SER A 16 -2.66 1.68 4.24
C SER A 16 -1.69 2.83 4.47
N GLU A 17 -1.04 3.27 3.40
CA GLU A 17 -0.08 4.38 3.49
C GLU A 17 -0.47 5.51 2.55
N CYS A 18 -1.00 5.16 1.39
CA CYS A 18 -1.41 6.15 0.41
C CYS A 18 -2.81 5.85 -0.12
N GLY A 19 -3.08 4.56 -0.34
CA GLY A 19 -4.38 4.17 -0.84
C GLY A 19 -4.29 3.33 -2.10
N LYS A 20 -3.50 2.26 -2.03
CA LYS A 20 -3.32 1.36 -3.17
C LYS A 20 -3.78 -0.05 -2.84
N ALA A 21 -3.94 -0.88 -3.87
CA ALA A 21 -4.37 -2.25 -3.68
C ALA A 21 -3.70 -3.18 -4.69
N PHE A 22 -3.49 -4.43 -4.28
CA PHE A 22 -2.86 -5.42 -5.16
C PHE A 22 -3.45 -6.80 -4.93
N HIS A 23 -3.51 -7.59 -6.01
CA HIS A 23 -4.06 -8.94 -5.93
C HIS A 23 -3.04 -9.91 -5.36
N ARG A 24 -1.77 -9.69 -5.69
CA ARG A 24 -0.69 -10.54 -5.21
C ARG A 24 0.06 -9.88 -4.07
N HIS A 25 0.57 -10.71 -3.15
CA HIS A 25 1.32 -10.20 -2.01
C HIS A 25 2.60 -9.51 -2.45
N THR A 26 3.34 -10.16 -3.35
CA THR A 26 4.59 -9.62 -3.86
C THR A 26 4.40 -8.19 -4.34
N HIS A 27 3.30 -7.93 -5.04
CA HIS A 27 3.00 -6.61 -5.55
C HIS A 27 2.90 -5.59 -4.41
N LEU A 28 2.12 -5.93 -3.40
CA LEU A 28 1.93 -5.05 -2.25
C LEU A 28 3.27 -4.65 -1.64
N ASN A 29 4.13 -5.63 -1.37
CA ASN A 29 5.44 -5.38 -0.80
C ASN A 29 6.28 -4.52 -1.73
N GLU A 30 6.43 -4.98 -2.98
CA GLU A 30 7.21 -4.24 -3.97
C GLU A 30 6.88 -2.75 -3.94
N HIS A 31 5.60 -2.44 -3.80
CA HIS A 31 5.15 -1.05 -3.76
C HIS A 31 5.60 -0.38 -2.47
N ARG A 32 5.24 -0.97 -1.33
CA ARG A 32 5.62 -0.42 -0.04
C ARG A 32 7.06 0.07 -0.04
N ARG A 33 7.86 -0.48 -0.94
CA ARG A 33 9.26 -0.09 -1.06
C ARG A 33 9.41 1.43 -1.13
N ILE A 34 8.54 2.06 -1.92
CA ILE A 34 8.57 3.51 -2.07
C ILE A 34 8.17 4.20 -0.77
N HIS A 35 7.53 3.47 0.12
CA HIS A 35 7.10 4.01 1.41
C HIS A 35 8.20 3.85 2.46
N THR A 36 9.00 2.79 2.31
CA THR A 36 10.07 2.52 3.25
C THR A 36 11.40 3.11 2.75
N GLY A 37 12.20 3.61 3.68
CA GLY A 37 13.48 4.19 3.31
C GLY A 37 14.30 4.61 4.51
N TYR A 38 14.09 5.85 4.95
CA TYR A 38 14.81 6.38 6.10
C TYR A 38 14.42 5.65 7.38
N ARG A 39 15.30 5.70 8.38
CA ARG A 39 15.05 5.04 9.65
C ARG A 39 14.54 6.04 10.69
N PRO A 40 13.62 5.58 11.54
CA PRO A 40 13.03 6.41 12.60
C PRO A 40 14.03 6.74 13.70
N SER A 41 14.08 8.01 14.10
CA SER A 41 15.00 8.45 15.14
C SER A 41 14.69 7.74 16.46
N GLY A 42 13.42 7.69 16.83
CA GLY A 42 13.03 7.04 18.05
C GLY A 42 11.52 7.01 18.24
N PRO A 43 10.92 8.21 18.35
CA PRO A 43 9.47 8.34 18.54
C PRO A 43 8.68 7.95 17.30
N SER A 44 8.15 6.74 17.30
CA SER A 44 7.37 6.24 16.17
C SER A 44 6.63 4.96 16.55
N SER A 45 5.69 4.55 15.69
CA SER A 45 4.91 3.35 15.93
C SER A 45 5.81 2.19 16.34
N GLY A 46 5.31 1.35 17.25
CA GLY A 46 6.08 0.21 17.71
C GLY A 46 6.62 -0.63 16.57
N GLY A 1 -29.13 -1.95 15.89
CA GLY A 1 -28.86 -2.19 14.49
C GLY A 1 -27.40 -1.92 14.12
N SER A 2 -26.99 -2.36 12.94
CA SER A 2 -25.62 -2.18 12.49
C SER A 2 -25.54 -2.25 10.97
N SER A 3 -24.61 -1.49 10.40
CA SER A 3 -24.43 -1.46 8.96
C SER A 3 -22.98 -1.18 8.59
N GLY A 4 -22.44 -1.96 7.65
CA GLY A 4 -21.06 -1.77 7.23
C GLY A 4 -20.43 -3.06 6.73
N SER A 5 -21.08 -3.69 5.75
CA SER A 5 -20.58 -4.93 5.19
C SER A 5 -20.60 -4.89 3.66
N SER A 6 -21.72 -4.42 3.11
CA SER A 6 -21.88 -4.32 1.66
C SER A 6 -20.55 -3.97 0.99
N GLY A 7 -19.93 -4.98 0.37
CA GLY A 7 -18.66 -4.76 -0.31
C GLY A 7 -18.49 -5.66 -1.51
N SER A 8 -18.39 -5.06 -2.69
CA SER A 8 -18.22 -5.83 -3.92
C SER A 8 -16.77 -5.83 -4.36
N GLY A 9 -16.15 -7.01 -4.33
CA GLY A 9 -14.75 -7.12 -4.72
C GLY A 9 -13.82 -6.32 -3.83
N GLU A 10 -13.07 -7.01 -2.98
CA GLU A 10 -12.14 -6.35 -2.08
C GLU A 10 -10.93 -7.23 -1.80
N LYS A 11 -9.75 -6.73 -2.18
CA LYS A 11 -8.51 -7.47 -1.98
C LYS A 11 -7.95 -7.24 -0.58
N PRO A 12 -7.35 -8.28 0.01
CA PRO A 12 -6.77 -8.21 1.35
C PRO A 12 -5.51 -7.34 1.38
N TYR A 13 -4.96 -7.05 0.20
CA TYR A 13 -3.76 -6.23 0.11
C TYR A 13 -4.11 -4.77 -0.18
N LYS A 14 -4.15 -3.96 0.87
CA LYS A 14 -4.48 -2.55 0.73
C LYS A 14 -3.45 -1.68 1.45
N CYS A 15 -2.47 -1.16 0.69
CA CYS A 15 -1.43 -0.32 1.26
C CYS A 15 -2.04 0.87 1.99
N SER A 16 -1.95 0.86 3.31
CA SER A 16 -2.49 1.94 4.12
C SER A 16 -1.66 3.20 3.96
N GLU A 17 -0.36 3.03 3.77
CA GLU A 17 0.55 4.16 3.60
C GLU A 17 -0.05 5.20 2.66
N CYS A 18 -0.49 4.75 1.49
CA CYS A 18 -1.08 5.64 0.51
C CYS A 18 -2.52 5.24 0.20
N GLY A 19 -2.77 3.94 0.18
CA GLY A 19 -4.11 3.44 -0.11
C GLY A 19 -4.18 2.67 -1.41
N LYS A 20 -3.09 2.00 -1.75
CA LYS A 20 -3.04 1.22 -2.99
C LYS A 20 -3.58 -0.19 -2.78
N ALA A 21 -3.89 -0.87 -3.88
CA ALA A 21 -4.42 -2.23 -3.80
C ALA A 21 -3.77 -3.13 -4.85
N PHE A 22 -3.38 -4.32 -4.43
CA PHE A 22 -2.74 -5.28 -5.33
C PHE A 22 -3.36 -6.67 -5.18
N HIS A 23 -3.37 -7.42 -6.27
CA HIS A 23 -3.94 -8.76 -6.27
C HIS A 23 -3.15 -9.69 -5.35
N ARG A 24 -1.85 -9.75 -5.56
CA ARG A 24 -0.97 -10.59 -4.75
C ARG A 24 -0.20 -9.76 -3.73
N HIS A 25 0.41 -10.43 -2.76
CA HIS A 25 1.18 -9.75 -1.72
C HIS A 25 2.49 -9.21 -2.30
N THR A 26 3.20 -10.05 -3.03
CA THR A 26 4.47 -9.66 -3.64
C THR A 26 4.40 -8.24 -4.19
N HIS A 27 3.33 -7.95 -4.93
CA HIS A 27 3.14 -6.63 -5.52
C HIS A 27 3.02 -5.56 -4.43
N LEU A 28 2.09 -5.78 -3.49
CA LEU A 28 1.87 -4.84 -2.40
C LEU A 28 3.19 -4.49 -1.71
N ASN A 29 3.91 -5.51 -1.27
CA ASN A 29 5.19 -5.31 -0.60
C ASN A 29 6.17 -4.57 -1.50
N GLU A 30 6.51 -5.19 -2.63
CA GLU A 30 7.45 -4.59 -3.58
C GLU A 30 7.08 -3.13 -3.84
N HIS A 31 5.84 -2.77 -3.56
CA HIS A 31 5.37 -1.40 -3.76
C HIS A 31 5.65 -0.54 -2.54
N ARG A 32 5.21 -1.01 -1.37
CA ARG A 32 5.42 -0.28 -0.12
C ARG A 32 6.80 0.38 -0.10
N ARG A 33 7.74 -0.22 -0.82
CA ARG A 33 9.10 0.31 -0.89
C ARG A 33 9.09 1.80 -1.21
N ILE A 34 8.30 2.18 -2.21
CA ILE A 34 8.20 3.57 -2.62
C ILE A 34 8.04 4.49 -1.40
N HIS A 35 7.57 3.92 -0.30
CA HIS A 35 7.37 4.68 0.93
C HIS A 35 8.63 4.65 1.80
N THR A 36 9.35 3.53 1.76
CA THR A 36 10.56 3.38 2.54
C THR A 36 11.78 3.87 1.76
N GLY A 37 11.65 5.00 1.10
CA GLY A 37 12.74 5.55 0.32
C GLY A 37 13.70 6.36 1.17
N TYR A 38 13.27 7.55 1.58
CA TYR A 38 14.10 8.43 2.39
C TYR A 38 13.41 8.76 3.71
N ARG A 39 14.19 8.80 4.79
CA ARG A 39 13.66 9.10 6.11
C ARG A 39 14.25 10.40 6.65
N PRO A 40 13.43 11.17 7.37
CA PRO A 40 13.84 12.45 7.97
C PRO A 40 14.83 12.26 9.11
N SER A 41 14.48 11.40 10.05
CA SER A 41 15.35 11.12 11.20
C SER A 41 16.29 9.96 10.92
N GLY A 42 15.72 8.76 10.85
CA GLY A 42 16.53 7.58 10.57
C GLY A 42 17.34 7.15 11.78
N PRO A 43 16.69 6.44 12.71
CA PRO A 43 17.34 5.96 13.93
C PRO A 43 18.33 4.84 13.66
N SER A 44 18.34 4.35 12.42
CA SER A 44 19.24 3.28 12.02
C SER A 44 20.58 3.40 12.75
N SER A 45 21.31 4.47 12.48
CA SER A 45 22.60 4.71 13.10
C SER A 45 22.45 5.51 14.38
N GLY A 46 23.03 5.00 15.47
CA GLY A 46 22.94 5.68 16.76
C GLY A 46 22.24 4.84 17.80
N GLY A 1 -22.07 -11.76 0.79
CA GLY A 1 -23.01 -12.62 1.47
C GLY A 1 -24.42 -12.08 1.44
N SER A 2 -25.03 -11.91 2.61
CA SER A 2 -26.39 -11.40 2.69
C SER A 2 -26.40 -9.88 2.80
N SER A 3 -26.92 -9.23 1.76
CA SER A 3 -26.99 -7.77 1.73
C SER A 3 -25.63 -7.16 2.08
N GLY A 4 -24.57 -7.74 1.53
CA GLY A 4 -23.23 -7.24 1.79
C GLY A 4 -22.77 -6.24 0.75
N SER A 5 -23.22 -5.00 0.89
CA SER A 5 -22.85 -3.95 -0.06
C SER A 5 -21.34 -3.68 -0.03
N SER A 6 -20.82 -3.42 1.17
CA SER A 6 -19.39 -3.15 1.34
C SER A 6 -18.56 -4.36 0.91
N GLY A 7 -17.30 -4.11 0.59
CA GLY A 7 -16.42 -5.19 0.18
C GLY A 7 -16.26 -5.27 -1.33
N SER A 8 -15.96 -4.13 -1.95
CA SER A 8 -15.79 -4.07 -3.39
C SER A 8 -14.56 -3.26 -3.76
N GLY A 9 -13.66 -3.86 -4.54
CA GLY A 9 -12.45 -3.18 -4.95
C GLY A 9 -11.36 -3.26 -3.90
N GLU A 10 -11.76 -3.29 -2.63
CA GLU A 10 -10.81 -3.36 -1.53
C GLU A 10 -10.15 -4.73 -1.47
N LYS A 11 -8.82 -4.73 -1.51
CA LYS A 11 -8.05 -5.96 -1.46
C LYS A 11 -7.35 -6.12 -0.11
N PRO A 12 -7.08 -7.38 0.27
CA PRO A 12 -6.42 -7.70 1.53
C PRO A 12 -4.96 -7.27 1.54
N TYR A 13 -4.34 -7.24 0.36
CA TYR A 13 -2.94 -6.85 0.24
C TYR A 13 -2.82 -5.41 -0.24
N LYS A 14 -3.84 -4.60 0.06
CA LYS A 14 -3.85 -3.20 -0.33
C LYS A 14 -3.02 -2.36 0.63
N CYS A 15 -2.38 -1.32 0.11
CA CYS A 15 -1.56 -0.43 0.93
C CYS A 15 -2.43 0.50 1.76
N SER A 16 -1.90 0.93 2.91
CA SER A 16 -2.63 1.82 3.80
C SER A 16 -1.99 3.20 3.83
N GLU A 17 -0.67 3.24 3.66
CA GLU A 17 0.07 4.50 3.68
C GLU A 17 -0.54 5.49 2.70
N CYS A 18 -0.87 5.01 1.51
CA CYS A 18 -1.47 5.86 0.47
C CYS A 18 -2.88 5.39 0.13
N GLY A 19 -3.07 4.07 0.10
CA GLY A 19 -4.37 3.52 -0.22
C GLY A 19 -4.34 2.67 -1.48
N LYS A 20 -3.15 2.24 -1.87
CA LYS A 20 -2.99 1.42 -3.07
C LYS A 20 -3.62 0.04 -2.88
N ALA A 21 -3.92 -0.63 -3.98
CA ALA A 21 -4.52 -1.95 -3.92
C ALA A 21 -3.82 -2.91 -4.89
N PHE A 22 -3.67 -4.16 -4.46
CA PHE A 22 -3.02 -5.17 -5.28
C PHE A 22 -3.74 -6.52 -5.17
N HIS A 23 -3.23 -7.52 -5.88
CA HIS A 23 -3.84 -8.85 -5.86
C HIS A 23 -2.96 -9.83 -5.10
N ARG A 24 -1.66 -9.79 -5.38
CA ARG A 24 -0.71 -10.69 -4.72
C ARG A 24 0.19 -9.90 -3.76
N HIS A 25 0.43 -10.48 -2.59
CA HIS A 25 1.26 -9.84 -1.58
C HIS A 25 2.55 -9.30 -2.20
N THR A 26 3.19 -10.13 -3.02
CA THR A 26 4.43 -9.73 -3.68
C THR A 26 4.35 -8.29 -4.18
N HIS A 27 3.39 -8.03 -5.06
CA HIS A 27 3.19 -6.70 -5.61
C HIS A 27 3.05 -5.66 -4.51
N LEU A 28 2.27 -6.00 -3.48
CA LEU A 28 2.04 -5.10 -2.36
C LEU A 28 3.36 -4.74 -1.68
N ASN A 29 4.11 -5.75 -1.27
CA ASN A 29 5.38 -5.54 -0.61
C ASN A 29 6.33 -4.74 -1.50
N GLU A 30 6.26 -4.99 -2.81
CA GLU A 30 7.12 -4.29 -3.75
C GLU A 30 6.81 -2.80 -3.77
N HIS A 31 5.52 -2.47 -3.86
CA HIS A 31 5.10 -1.06 -3.89
C HIS A 31 5.56 -0.34 -2.63
N ARG A 32 5.45 -1.00 -1.49
CA ARG A 32 5.85 -0.41 -0.21
C ARG A 32 7.27 0.13 -0.29
N ARG A 33 8.01 -0.30 -1.31
CA ARG A 33 9.39 0.13 -1.50
C ARG A 33 9.47 1.66 -1.50
N ILE A 34 8.46 2.30 -2.08
CA ILE A 34 8.41 3.76 -2.15
C ILE A 34 8.04 4.36 -0.80
N HIS A 35 7.38 3.56 0.03
CA HIS A 35 6.96 4.02 1.35
C HIS A 35 8.07 3.81 2.38
N THR A 36 8.94 2.84 2.11
CA THR A 36 10.03 2.54 3.01
C THR A 36 11.33 3.17 2.53
N GLY A 37 11.43 3.38 1.22
CA GLY A 37 12.62 3.99 0.66
C GLY A 37 12.34 5.35 0.05
N TYR A 38 12.85 6.40 0.70
CA TYR A 38 12.65 7.76 0.22
C TYR A 38 13.77 8.67 0.71
N ARG A 39 14.28 9.49 -0.21
CA ARG A 39 15.37 10.42 0.13
C ARG A 39 15.11 11.79 -0.48
N PRO A 40 15.50 12.85 0.25
CA PRO A 40 15.31 14.24 -0.20
C PRO A 40 16.23 14.59 -1.37
N SER A 41 15.67 15.22 -2.39
CA SER A 41 16.43 15.62 -3.56
C SER A 41 16.95 17.05 -3.42
N GLY A 42 18.08 17.20 -2.75
CA GLY A 42 18.66 18.52 -2.56
C GLY A 42 20.18 18.50 -2.58
N PRO A 43 20.78 17.96 -1.52
CA PRO A 43 22.24 17.86 -1.39
C PRO A 43 22.84 16.85 -2.36
N SER A 44 22.09 15.78 -2.64
CA SER A 44 22.55 14.74 -3.54
C SER A 44 21.37 13.94 -4.08
N SER A 45 21.24 13.90 -5.40
CA SER A 45 20.15 13.17 -6.04
C SER A 45 20.70 12.12 -7.00
N GLY A 46 21.45 12.57 -8.00
CA GLY A 46 22.03 11.65 -8.98
C GLY A 46 22.83 10.55 -8.33
N GLY A 1 -34.77 6.60 -7.55
CA GLY A 1 -33.48 7.28 -7.60
C GLY A 1 -32.47 6.55 -8.47
N SER A 2 -31.19 6.71 -8.15
CA SER A 2 -30.13 6.07 -8.91
C SER A 2 -29.13 5.39 -7.97
N SER A 3 -28.37 4.44 -8.52
CA SER A 3 -27.38 3.72 -7.73
C SER A 3 -26.15 3.39 -8.58
N GLY A 4 -25.10 2.92 -7.91
CA GLY A 4 -23.87 2.58 -8.63
C GLY A 4 -23.40 1.17 -8.32
N SER A 5 -22.51 0.65 -9.16
CA SER A 5 -21.99 -0.69 -8.98
C SER A 5 -20.48 -0.66 -8.77
N SER A 6 -20.04 -1.13 -7.61
CA SER A 6 -18.62 -1.15 -7.29
C SER A 6 -17.90 -2.26 -8.06
N GLY A 7 -18.38 -3.49 -7.90
CA GLY A 7 -17.78 -4.62 -8.58
C GLY A 7 -17.50 -5.78 -7.65
N SER A 8 -16.75 -6.76 -8.13
CA SER A 8 -16.41 -7.93 -7.35
C SER A 8 -14.90 -8.14 -7.28
N GLY A 9 -14.46 -8.98 -6.35
CA GLY A 9 -13.04 -9.25 -6.20
C GLY A 9 -12.68 -9.76 -4.83
N GLU A 10 -11.39 -9.77 -4.51
CA GLU A 10 -10.92 -10.25 -3.22
C GLU A 10 -10.36 -9.10 -2.39
N LYS A 11 -9.39 -8.39 -2.95
CA LYS A 11 -8.76 -7.27 -2.27
C LYS A 11 -8.29 -7.68 -0.88
N PRO A 12 -7.46 -8.73 -0.81
CA PRO A 12 -6.92 -9.23 0.45
C PRO A 12 -5.90 -8.29 1.07
N TYR A 13 -5.00 -7.77 0.24
CA TYR A 13 -3.98 -6.84 0.71
C TYR A 13 -4.25 -5.42 0.22
N LYS A 14 -4.05 -4.46 1.11
CA LYS A 14 -4.28 -3.05 0.77
C LYS A 14 -3.30 -2.15 1.52
N CYS A 15 -2.62 -1.28 0.79
CA CYS A 15 -1.66 -0.36 1.39
C CYS A 15 -2.37 0.71 2.22
N SER A 16 -1.67 1.27 3.19
CA SER A 16 -2.24 2.30 4.06
C SER A 16 -1.53 3.63 3.84
N GLU A 17 -0.24 3.57 3.54
CA GLU A 17 0.56 4.77 3.31
C GLU A 17 -0.12 5.69 2.31
N CYS A 18 -0.45 5.14 1.14
CA CYS A 18 -1.11 5.91 0.08
C CYS A 18 -2.57 5.49 -0.05
N GLY A 19 -2.82 4.19 -0.03
CA GLY A 19 -4.17 3.69 -0.14
C GLY A 19 -4.39 2.90 -1.42
N LYS A 20 -3.38 2.12 -1.81
CA LYS A 20 -3.46 1.31 -3.01
C LYS A 20 -3.91 -0.11 -2.68
N ALA A 21 -4.01 -0.94 -3.72
CA ALA A 21 -4.42 -2.33 -3.53
C ALA A 21 -3.75 -3.25 -4.56
N PHE A 22 -3.42 -4.46 -4.12
CA PHE A 22 -2.77 -5.42 -5.00
C PHE A 22 -3.36 -6.82 -4.80
N HIS A 23 -3.82 -7.42 -5.90
CA HIS A 23 -4.41 -8.76 -5.84
C HIS A 23 -3.43 -9.75 -5.22
N ARG A 24 -2.14 -9.43 -5.28
CA ARG A 24 -1.11 -10.30 -4.73
C ARG A 24 -0.22 -9.54 -3.75
N HIS A 25 0.18 -10.20 -2.67
CA HIS A 25 1.03 -9.58 -1.66
C HIS A 25 2.34 -9.11 -2.28
N THR A 26 3.06 -10.03 -2.93
CA THR A 26 4.33 -9.69 -3.56
C THR A 26 4.31 -8.28 -4.12
N HIS A 27 3.34 -8.00 -4.97
CA HIS A 27 3.21 -6.68 -5.59
C HIS A 27 3.21 -5.59 -4.52
N LEU A 28 2.40 -5.79 -3.47
CA LEU A 28 2.31 -4.82 -2.38
C LEU A 28 3.68 -4.58 -1.75
N ASN A 29 4.27 -5.63 -1.20
CA ASN A 29 5.58 -5.54 -0.56
C ASN A 29 6.52 -4.65 -1.39
N GLU A 30 6.62 -4.96 -2.68
CA GLU A 30 7.48 -4.19 -3.56
C GLU A 30 7.12 -2.71 -3.55
N HIS A 31 5.85 -2.41 -3.86
CA HIS A 31 5.38 -1.03 -3.87
C HIS A 31 5.76 -0.31 -2.59
N ARG A 32 5.46 -0.92 -1.46
CA ARG A 32 5.77 -0.34 -0.15
C ARG A 32 7.18 0.27 -0.16
N ARG A 33 8.07 -0.31 -0.97
CA ARG A 33 9.44 0.16 -1.07
C ARG A 33 9.48 1.67 -1.32
N ILE A 34 8.59 2.13 -2.20
CA ILE A 34 8.53 3.55 -2.53
C ILE A 34 8.24 4.40 -1.30
N HIS A 35 7.57 3.79 -0.32
CA HIS A 35 7.24 4.49 0.92
C HIS A 35 8.44 4.53 1.86
N THR A 36 9.25 3.47 1.83
CA THR A 36 10.43 3.38 2.68
C THR A 36 11.68 3.85 1.94
N GLY A 37 12.64 4.39 2.69
CA GLY A 37 13.87 4.87 2.10
C GLY A 37 14.24 6.26 2.56
N TYR A 38 15.22 6.33 3.46
CA TYR A 38 15.67 7.61 4.00
C TYR A 38 16.28 8.48 2.91
N ARG A 39 16.13 9.79 3.04
CA ARG A 39 16.67 10.73 2.06
C ARG A 39 18.04 11.25 2.49
N PRO A 40 18.92 11.47 1.51
CA PRO A 40 20.27 11.96 1.77
C PRO A 40 20.29 13.42 2.24
N SER A 41 21.00 13.66 3.34
CA SER A 41 21.09 15.01 3.89
C SER A 41 21.59 16.00 2.85
N GLY A 42 22.64 15.61 2.13
CA GLY A 42 23.22 16.47 1.11
C GLY A 42 22.16 17.24 0.35
N PRO A 43 22.56 18.37 -0.23
CA PRO A 43 21.65 19.23 -1.01
C PRO A 43 21.22 18.59 -2.32
N SER A 44 20.00 18.06 -2.34
CA SER A 44 19.48 17.41 -3.55
C SER A 44 18.20 18.10 -4.02
N SER A 45 17.90 17.95 -5.30
CA SER A 45 16.71 18.56 -5.89
C SER A 45 15.54 17.58 -5.88
N GLY A 46 14.72 17.63 -4.84
CA GLY A 46 13.58 16.75 -4.74
C GLY A 46 12.78 16.96 -3.47
N GLY A 1 -26.72 5.80 -8.30
CA GLY A 1 -25.55 4.93 -8.38
C GLY A 1 -25.91 3.51 -8.72
N SER A 2 -25.40 2.57 -7.92
CA SER A 2 -25.66 1.15 -8.15
C SER A 2 -25.23 0.32 -6.94
N SER A 3 -25.64 -0.94 -6.92
CA SER A 3 -25.30 -1.84 -5.83
C SER A 3 -25.33 -3.30 -6.29
N GLY A 4 -24.78 -4.18 -5.46
CA GLY A 4 -24.76 -5.59 -5.81
C GLY A 4 -24.09 -6.44 -4.74
N SER A 5 -24.31 -7.74 -4.79
CA SER A 5 -23.74 -8.66 -3.82
C SER A 5 -22.88 -9.73 -4.51
N SER A 6 -21.58 -9.50 -4.55
CA SER A 6 -20.66 -10.44 -5.18
C SER A 6 -19.32 -10.48 -4.43
N GLY A 7 -18.94 -11.67 -3.99
CA GLY A 7 -17.69 -11.82 -3.27
C GLY A 7 -16.50 -11.95 -4.20
N SER A 8 -16.47 -11.13 -5.24
CA SER A 8 -15.37 -11.17 -6.21
C SER A 8 -14.27 -10.20 -5.82
N GLY A 9 -14.62 -8.92 -5.69
CA GLY A 9 -13.65 -7.92 -5.32
C GLY A 9 -12.93 -8.25 -4.03
N GLU A 10 -11.79 -8.91 -4.14
CA GLU A 10 -11.01 -9.29 -2.97
C GLU A 10 -9.60 -8.70 -3.04
N LYS A 11 -9.34 -7.69 -2.21
CA LYS A 11 -8.04 -7.05 -2.18
C LYS A 11 -7.57 -6.84 -0.74
N PRO A 12 -7.22 -7.96 -0.06
CA PRO A 12 -6.76 -7.93 1.32
C PRO A 12 -5.37 -7.31 1.45
N TYR A 13 -4.70 -7.14 0.31
CA TYR A 13 -3.36 -6.55 0.30
C TYR A 13 -3.43 -5.04 0.13
N LYS A 14 -4.39 -4.41 0.79
CA LYS A 14 -4.56 -2.97 0.70
C LYS A 14 -3.40 -2.24 1.39
N CYS A 15 -2.95 -1.15 0.79
CA CYS A 15 -1.86 -0.37 1.35
C CYS A 15 -2.39 0.75 2.24
N SER A 16 -2.03 0.69 3.53
CA SER A 16 -2.47 1.69 4.49
C SER A 16 -1.44 2.81 4.61
N GLU A 17 -0.85 3.20 3.48
CA GLU A 17 0.15 4.25 3.47
C GLU A 17 -0.24 5.35 2.48
N CYS A 18 -0.69 4.95 1.30
CA CYS A 18 -1.08 5.89 0.27
C CYS A 18 -2.53 5.65 -0.16
N GLY A 19 -2.85 4.39 -0.46
CA GLY A 19 -4.19 4.04 -0.87
C GLY A 19 -4.21 3.23 -2.15
N LYS A 20 -3.43 2.15 -2.17
CA LYS A 20 -3.36 1.28 -3.34
C LYS A 20 -3.51 -0.19 -2.94
N ALA A 21 -4.49 -0.85 -3.53
CA ALA A 21 -4.73 -2.26 -3.24
C ALA A 21 -4.17 -3.16 -4.34
N PHE A 22 -3.71 -4.35 -3.95
CA PHE A 22 -3.15 -5.29 -4.91
C PHE A 22 -3.79 -6.67 -4.76
N HIS A 23 -3.45 -7.57 -5.66
CA HIS A 23 -4.00 -8.93 -5.63
C HIS A 23 -3.01 -9.91 -5.01
N ARG A 24 -1.73 -9.76 -5.37
CA ARG A 24 -0.69 -10.62 -4.84
C ARG A 24 0.24 -9.86 -3.89
N HIS A 25 0.77 -10.56 -2.91
CA HIS A 25 1.67 -9.95 -1.94
C HIS A 25 2.87 -9.30 -2.63
N THR A 26 3.57 -10.09 -3.43
CA THR A 26 4.74 -9.59 -4.16
C THR A 26 4.54 -8.15 -4.59
N HIS A 27 3.34 -7.83 -5.07
CA HIS A 27 3.03 -6.48 -5.52
C HIS A 27 3.00 -5.51 -4.35
N LEU A 28 2.08 -5.74 -3.41
CA LEU A 28 1.95 -4.89 -2.24
C LEU A 28 3.31 -4.61 -1.61
N ASN A 29 4.11 -5.66 -1.44
CA ASN A 29 5.43 -5.52 -0.86
C ASN A 29 6.32 -4.63 -1.72
N GLU A 30 6.62 -5.09 -2.93
CA GLU A 30 7.46 -4.32 -3.85
C GLU A 30 7.03 -2.86 -3.89
N HIS A 31 5.73 -2.63 -3.70
CA HIS A 31 5.18 -1.28 -3.73
C HIS A 31 5.56 -0.52 -2.45
N ARG A 32 5.38 -1.17 -1.31
CA ARG A 32 5.70 -0.55 -0.03
C ARG A 32 7.10 0.07 -0.05
N ARG A 33 7.91 -0.36 -1.01
CA ARG A 33 9.26 0.15 -1.15
C ARG A 33 9.27 1.68 -1.20
N ILE A 34 8.44 2.23 -2.07
CA ILE A 34 8.34 3.68 -2.22
C ILE A 34 8.05 4.35 -0.89
N HIS A 35 7.55 3.57 0.07
CA HIS A 35 7.23 4.09 1.39
C HIS A 35 8.42 3.91 2.34
N THR A 36 9.27 2.94 2.04
CA THR A 36 10.43 2.66 2.87
C THR A 36 11.72 3.02 2.15
N GLY A 37 12.58 3.78 2.81
CA GLY A 37 13.84 4.18 2.22
C GLY A 37 15.04 3.68 3.01
N TYR A 38 15.32 4.35 4.13
CA TYR A 38 16.44 3.98 4.98
C TYR A 38 16.09 4.14 6.45
N ARG A 39 16.74 3.34 7.30
CA ARG A 39 16.49 3.40 8.74
C ARG A 39 17.80 3.60 9.50
N PRO A 40 17.75 4.40 10.56
CA PRO A 40 18.92 4.69 11.40
C PRO A 40 19.36 3.48 12.22
N SER A 41 18.64 2.38 12.07
CA SER A 41 18.96 1.15 12.78
C SER A 41 19.66 0.15 11.88
N GLY A 42 21.00 0.22 11.86
CA GLY A 42 21.78 -0.68 11.04
C GLY A 42 22.89 -1.35 11.80
N PRO A 43 23.58 -2.31 11.14
CA PRO A 43 24.68 -3.04 11.76
C PRO A 43 25.91 -2.17 11.98
N SER A 44 25.84 -0.92 11.53
CA SER A 44 26.95 0.01 11.67
C SER A 44 27.06 0.51 13.11
N SER A 45 27.82 -0.22 13.93
CA SER A 45 28.00 0.14 15.33
C SER A 45 28.52 1.57 15.45
N GLY A 46 29.61 1.86 14.74
CA GLY A 46 30.19 3.19 14.79
C GLY A 46 29.97 3.97 13.51
#